data_5E6M
#
_entry.id   5E6M
#
_cell.length_a   206.864
_cell.length_b   122.200
_cell.length_c   84.727
_cell.angle_alpha   90.00
_cell.angle_beta   90.00
_cell.angle_gamma   90.00
#
_symmetry.space_group_name_H-M   'P 21 21 2'
#
loop_
_entity.id
_entity.type
_entity.pdbx_description
1 polymer 'Glycine--tRNA ligase'
2 polymer tRNA(Gly)
3 non-polymer "GLYCYL-ADENOSINE-5'-PHOSPHATE"
4 non-polymer 'SULFATE ION'
5 non-polymer 'NICKEL (II) ION'
6 water water
#
loop_
_entity_poly.entity_id
_entity_poly.type
_entity_poly.pdbx_seq_one_letter_code
_entity_poly.pdbx_strand_id
1 'polypeptide(L)'
;MDGAGAEEVLAPLRLAVRQQGDLVRKLKEDKAPQVDVDKAVAELKARKRVLEAKELALQPKDDIVDRAKMEDTLKRRFFY
DQAFAIYGGVSGLYDFGPVGCALKNNIIQTWRQHFIQEEQILEIDCTMLTPEPVLKTSGHVDKFADFMVKDVKNGECFRA
DHLLKAHLQKLMSDKKCSVEKKSEMESVLAQLDNYGQQELADLFVNYNVKSPITGNDLSPPVSFNLMFKTFIGPGGNMPG
YLRPETAQGIFLNFKRLLEFNQGKLPFAAAQIGNSFRNEISPRSGLIRVREFTMAEIEHFVDPSEKDHPKFQNVADLHLY
LYSAKAQVSGQSARKMRLGDAVEQGVINNTVLGYFIGRIYLYLTKVGISPDKLRFRQHMENEMAHYACDCWDAESKTSYG
WIEIVGCADRSCYDLSCHARATKVPLVAEKPLKEPKTVNVVQFEPSKGAIGKAYKKDAKLVMEYLAICDECYITEMEMLL
NEKGEFTIETEGKTFQLTKDMINVKRFQKTLYVEEVVPNVIEPSFGLGRIMYTVFEHTFHVREGDEQRTFFSFPAVVAPF
KCSVLPLSQNQEFMPFVKELSEALTRHGVSHKVDDSSGSIGRRYARTDEIGVAFGVTIDFDTVNKTPHTATLRDRDSMRQ
IRAEISELPSIVQDLANGNITWADVEARYPLFEGQETGKKETIEELEHHHHHH
;
A,B
2 'polyribonucleotide' (GTP)CGCCGCUGGUGUAGUGGUAUCAUGCAAGAUUCCCAUUCUUGCGACCCGGGUUCGAUUCCCGGGCGGCGCACCA C,E
#
# COMPACT_ATOMS: atom_id res chain seq x y z
N GLU A 7 -15.53 26.37 32.77
CA GLU A 7 -16.79 26.87 32.24
C GLU A 7 -17.06 28.30 32.67
N GLU A 8 -16.45 28.70 33.79
CA GLU A 8 -16.58 30.06 34.29
C GLU A 8 -15.68 30.99 33.51
N VAL A 9 -14.53 30.47 33.10
CA VAL A 9 -13.56 31.24 32.33
C VAL A 9 -13.87 31.21 30.84
N LEU A 10 -14.61 30.20 30.41
CA LEU A 10 -14.91 30.02 28.98
C LEU A 10 -16.14 30.81 28.56
N ALA A 11 -17.08 30.95 29.48
CA ALA A 11 -18.37 31.60 29.20
C ALA A 11 -18.27 32.99 28.54
N PRO A 12 -17.35 33.86 29.01
CA PRO A 12 -17.28 35.16 28.31
C PRO A 12 -16.80 35.05 26.88
N LEU A 13 -15.85 34.15 26.62
CA LEU A 13 -15.33 33.97 25.26
C LEU A 13 -16.38 33.33 24.36
N ARG A 14 -17.18 32.43 24.93
CA ARG A 14 -18.29 31.83 24.21
C ARG A 14 -19.29 32.91 23.79
N LEU A 15 -19.65 33.76 24.74
CA LEU A 15 -20.57 34.87 24.46
C LEU A 15 -20.02 35.71 23.33
N ALA A 16 -18.75 36.12 23.44
CA ALA A 16 -18.09 36.94 22.43
C ALA A 16 -18.25 36.37 21.02
N VAL A 17 -17.85 35.10 20.85
CA VAL A 17 -17.99 34.40 19.58
C VAL A 17 -19.44 34.49 19.08
N ARG A 18 -20.39 34.31 20.01
CA ARG A 18 -21.80 34.35 19.68
C ARG A 18 -22.25 35.70 19.13
N GLN A 19 -21.80 36.79 19.76
CA GLN A 19 -22.19 38.13 19.35
C GLN A 19 -21.72 38.42 17.93
N GLN A 20 -20.41 38.29 17.69
CA GLN A 20 -19.87 38.46 16.34
C GLN A 20 -20.36 37.38 15.39
N GLY A 21 -20.94 36.32 15.96
CA GLY A 21 -21.47 35.21 15.19
C GLY A 21 -22.60 35.60 14.27
N ASP A 22 -23.75 35.94 14.84
CA ASP A 22 -24.90 36.33 14.04
C ASP A 22 -24.98 37.85 13.91
N LEU A 23 -23.90 38.51 14.31
CA LEU A 23 -23.56 39.83 13.82
C LEU A 23 -23.34 39.70 12.33
N VAL A 24 -22.58 38.68 11.97
CA VAL A 24 -22.31 38.35 10.58
C VAL A 24 -23.62 38.04 9.87
N ARG A 25 -24.47 37.21 10.48
CA ARG A 25 -25.76 36.88 9.89
C ARG A 25 -26.60 38.14 9.62
N LYS A 26 -26.39 39.17 10.44
CA LYS A 26 -27.07 40.45 10.29
C LYS A 26 -26.46 41.28 9.17
N LEU A 27 -25.14 41.20 9.07
CA LEU A 27 -24.39 41.91 8.05
C LEU A 27 -24.72 41.45 6.62
N LYS A 28 -25.49 40.38 6.49
CA LYS A 28 -25.89 39.87 5.17
C LYS A 28 -27.42 39.75 5.10
N GLU A 29 -28.08 40.05 6.22
CA GLU A 29 -29.54 40.00 6.31
C GLU A 29 -30.17 41.13 5.52
N ASP A 30 -29.37 42.13 5.17
CA ASP A 30 -29.74 43.17 4.21
C ASP A 30 -28.49 44.02 3.95
N VAL A 37 -17.60 41.97 -0.50
CA VAL A 37 -17.19 41.23 0.69
C VAL A 37 -16.50 42.13 1.71
N ASP A 38 -17.20 43.16 2.16
CA ASP A 38 -16.69 44.04 3.20
C ASP A 38 -16.66 43.33 4.55
N LYS A 39 -17.65 42.47 4.79
CA LYS A 39 -17.83 41.80 6.09
C LYS A 39 -16.63 40.96 6.48
N ALA A 40 -16.33 40.91 7.78
CA ALA A 40 -15.12 40.23 8.26
C ALA A 40 -15.40 39.00 9.12
N VAL A 41 -15.61 37.87 8.46
CA VAL A 41 -15.69 36.59 9.16
C VAL A 41 -14.31 36.26 9.71
N ALA A 42 -13.33 37.05 9.31
CA ALA A 42 -11.98 37.00 9.85
C ALA A 42 -11.97 37.38 11.33
N GLU A 43 -12.73 38.42 11.66
CA GLU A 43 -12.93 38.84 13.04
C GLU A 43 -13.59 37.71 13.85
N LEU A 44 -14.62 37.09 13.28
CA LEU A 44 -15.29 35.96 13.90
C LEU A 44 -14.32 34.79 14.10
N LYS A 45 -13.53 34.47 13.06
CA LYS A 45 -12.58 33.37 13.10
C LYS A 45 -11.56 33.52 14.23
N ALA A 46 -11.13 34.75 14.45
CA ALA A 46 -10.17 35.07 15.51
C ALA A 46 -10.74 34.74 16.89
N ARG A 47 -11.93 35.28 17.17
CA ARG A 47 -12.59 35.06 18.45
C ARG A 47 -12.79 33.56 18.78
N LYS A 48 -13.16 32.76 17.79
CA LYS A 48 -13.39 31.33 17.99
C LYS A 48 -12.06 30.61 18.24
N ARG A 49 -11.02 31.10 17.59
CA ARG A 49 -9.67 30.59 17.82
C ARG A 49 -9.22 30.79 19.26
N VAL A 50 -9.52 31.96 19.83
CA VAL A 50 -9.24 32.26 21.24
C VAL A 50 -9.92 31.25 22.16
N LEU A 51 -11.23 31.09 21.95
CA LEU A 51 -12.04 30.14 22.72
C LEU A 51 -11.48 28.72 22.62
N GLU A 52 -11.25 28.28 21.38
CA GLU A 52 -10.66 26.97 21.12
C GLU A 52 -9.41 26.74 21.95
N ALA A 53 -8.46 27.66 21.86
CA ALA A 53 -7.18 27.56 22.56
C ALA A 53 -7.32 27.48 24.09
N LYS A 54 -8.19 28.32 24.67
CA LYS A 54 -8.33 28.39 26.11
C LYS A 54 -9.10 27.20 26.69
N GLU A 55 -10.07 26.68 25.93
CA GLU A 55 -10.75 25.45 26.32
C GLU A 55 -9.75 24.31 26.36
N LEU A 56 -8.82 24.34 25.40
CA LEU A 56 -7.76 23.35 25.32
C LEU A 56 -6.84 23.44 26.54
N ALA A 57 -6.48 24.68 26.90
CA ALA A 57 -5.60 24.95 28.03
C ALA A 57 -6.27 24.65 29.37
N LEU A 58 -7.60 24.56 29.37
CA LEU A 58 -8.36 24.35 30.60
C LEU A 58 -8.58 22.85 30.87
N GLN A 59 -8.73 22.10 29.78
CA GLN A 59 -9.01 20.67 29.81
C GLN A 59 -7.96 19.72 30.42
N PRO A 60 -6.65 19.99 30.23
CA PRO A 60 -5.73 18.91 30.60
C PRO A 60 -5.81 18.44 32.05
N LYS A 61 -5.78 17.12 32.25
CA LYS A 61 -5.66 16.58 33.59
C LYS A 61 -4.35 16.95 34.32
N ASP A 62 -3.14 16.84 33.72
CA ASP A 62 -2.86 16.69 32.29
C ASP A 62 -3.14 15.29 31.71
N ASP A 63 -4.03 15.28 30.72
CA ASP A 63 -4.61 14.07 30.16
C ASP A 63 -3.73 13.64 28.96
N ILE A 64 -2.74 14.49 28.65
CA ILE A 64 -2.12 14.43 27.35
C ILE A 64 -0.63 14.06 27.34
N VAL A 65 -0.28 13.48 26.19
CA VAL A 65 0.98 12.78 25.95
C VAL A 65 2.23 13.64 26.19
N ASP A 66 3.30 13.01 26.68
CA ASP A 66 4.61 13.63 26.73
C ASP A 66 5.20 13.47 25.34
N ARG A 67 4.96 14.46 24.47
CA ARG A 67 5.33 14.36 23.07
C ARG A 67 6.82 14.12 22.85
N ALA A 68 7.65 14.80 23.65
CA ALA A 68 9.10 14.70 23.50
C ALA A 68 9.60 13.30 23.83
N LYS A 69 8.97 12.65 24.80
CA LYS A 69 9.33 11.28 25.14
C LYS A 69 8.91 10.33 24.02
N MET A 70 7.68 10.50 23.54
CA MET A 70 7.14 9.65 22.48
C MET A 70 7.93 9.80 21.18
N GLU A 71 8.27 11.03 20.82
CA GLU A 71 9.07 11.27 19.63
C GLU A 71 10.45 10.62 19.78
N ASP A 72 10.99 10.63 21.00
CA ASP A 72 12.27 9.98 21.26
C ASP A 72 12.20 8.48 21.00
N THR A 73 11.10 7.86 21.44
CA THR A 73 10.89 6.43 21.22
C THR A 73 10.77 6.12 19.73
N LEU A 74 9.94 6.89 19.03
CA LEU A 74 9.77 6.77 17.59
C LEU A 74 11.08 6.93 16.84
N LYS A 75 11.89 7.89 17.29
CA LYS A 75 13.20 8.14 16.68
C LYS A 75 14.17 6.99 16.95
N ARG A 76 14.41 6.70 18.22
CA ARG A 76 15.37 5.67 18.62
C ARG A 76 15.13 4.32 17.95
N ARG A 77 13.86 3.97 17.80
CA ARG A 77 13.49 2.65 17.31
C ARG A 77 12.99 2.69 15.87
N PHE A 78 13.29 3.80 15.19
CA PHE A 78 13.07 3.91 13.74
C PHE A 78 11.63 3.60 13.33
N PHE A 79 10.67 4.15 14.04
CA PHE A 79 9.29 4.11 13.55
C PHE A 79 9.24 4.90 12.26
N TYR A 80 9.76 6.12 12.31
CA TYR A 80 9.93 6.94 11.13
C TYR A 80 11.12 7.87 11.34
N ASP A 81 11.73 8.33 10.26
CA ASP A 81 12.85 9.25 10.37
C ASP A 81 12.78 10.29 9.28
N GLN A 82 13.55 11.37 9.45
CA GLN A 82 13.78 12.31 8.36
C GLN A 82 14.31 11.59 7.14
N ALA A 83 13.66 11.81 6.01
CA ALA A 83 14.16 11.31 4.75
C ALA A 83 15.48 12.00 4.40
N PHE A 84 16.44 11.21 3.91
CA PHE A 84 17.74 11.70 3.47
C PHE A 84 18.50 12.42 4.60
N ALA A 85 18.25 11.99 5.83
CA ALA A 85 18.84 12.63 6.99
C ALA A 85 20.37 12.61 6.92
N ILE A 86 20.90 11.60 6.26
CA ILE A 86 22.34 11.44 6.12
C ILE A 86 22.90 12.51 5.17
N TYR A 87 22.00 13.13 4.38
CA TYR A 87 22.37 14.19 3.46
C TYR A 87 21.94 15.56 3.98
N GLY A 88 21.50 15.61 5.23
CA GLY A 88 21.07 16.85 5.82
C GLY A 88 19.56 16.98 5.90
N GLY A 89 18.86 16.06 5.26
CA GLY A 89 17.41 16.01 5.32
C GLY A 89 16.73 17.00 4.41
N VAL A 90 15.47 16.71 4.10
CA VAL A 90 14.63 17.61 3.32
C VAL A 90 13.34 17.85 4.08
N SER A 91 13.06 19.12 4.36
CA SER A 91 11.90 19.49 5.16
C SER A 91 10.59 18.92 4.62
N GLY A 92 9.87 18.19 5.47
CA GLY A 92 8.56 17.68 5.11
C GLY A 92 8.56 16.34 4.40
N LEU A 93 9.70 15.66 4.46
CA LEU A 93 9.83 14.35 3.84
C LEU A 93 10.29 13.31 4.86
N TYR A 94 9.55 12.22 4.97
CA TYR A 94 9.80 11.24 6.02
C TYR A 94 9.85 9.83 5.47
N ASP A 95 10.69 9.00 6.09
CA ASP A 95 10.74 7.57 5.77
C ASP A 95 10.19 6.77 6.95
N PHE A 96 9.46 5.70 6.65
CA PHE A 96 8.99 4.78 7.70
C PHE A 96 9.92 3.58 7.82
N GLY A 97 10.37 3.30 9.04
CA GLY A 97 11.20 2.13 9.28
C GLY A 97 10.35 0.89 9.36
N PRO A 98 10.98 -0.26 9.66
CA PRO A 98 10.35 -1.58 9.82
C PRO A 98 9.02 -1.56 10.58
N VAL A 99 9.02 -1.02 11.79
CA VAL A 99 7.79 -0.97 12.57
C VAL A 99 6.79 0.02 11.95
N GLY A 100 7.30 1.16 11.48
CA GLY A 100 6.45 2.19 10.91
C GLY A 100 5.69 1.67 9.71
N CYS A 101 6.44 1.07 8.79
CA CYS A 101 5.89 0.48 7.57
C CYS A 101 4.89 -0.62 7.91
N ALA A 102 5.29 -1.53 8.79
CA ALA A 102 4.42 -2.63 9.21
C ALA A 102 3.11 -2.12 9.80
N LEU A 103 3.19 -1.16 10.72
CA LEU A 103 2.00 -0.54 11.29
C LEU A 103 1.15 0.07 10.18
N LYS A 104 1.81 0.70 9.21
CA LYS A 104 1.11 1.34 8.10
C LYS A 104 0.31 0.34 7.28
N ASN A 105 0.94 -0.76 6.85
CA ASN A 105 0.24 -1.73 6.03
C ASN A 105 -0.92 -2.37 6.78
N ASN A 106 -0.76 -2.50 8.09
CA ASN A 106 -1.84 -3.02 8.93
C ASN A 106 -3.01 -2.06 8.97
N ILE A 107 -2.71 -0.78 9.03
CA ILE A 107 -3.74 0.25 9.04
C ILE A 107 -4.43 0.31 7.68
N ILE A 108 -3.64 0.16 6.61
CA ILE A 108 -4.19 0.13 5.27
C ILE A 108 -5.00 -1.15 5.04
N GLN A 109 -4.48 -2.28 5.52
CA GLN A 109 -5.20 -3.55 5.36
C GLN A 109 -6.55 -3.51 6.05
N THR A 110 -6.57 -3.02 7.28
CA THR A 110 -7.81 -2.84 8.04
C THR A 110 -8.77 -1.92 7.30
N TRP A 111 -8.22 -0.88 6.69
CA TRP A 111 -9.00 0.06 5.89
C TRP A 111 -9.64 -0.63 4.69
N ARG A 112 -8.91 -1.57 4.10
CA ARG A 112 -9.43 -2.31 2.95
C ARG A 112 -10.59 -3.20 3.36
N GLN A 113 -10.45 -3.93 4.47
CA GLN A 113 -11.54 -4.78 4.95
C GLN A 113 -12.75 -3.94 5.36
N HIS A 114 -12.48 -2.80 5.97
CA HIS A 114 -13.52 -1.99 6.59
C HIS A 114 -14.34 -1.22 5.56
N PHE A 115 -13.72 -0.85 4.44
CA PHE A 115 -14.41 -0.05 3.44
C PHE A 115 -14.55 -0.74 2.09
N ILE A 116 -13.44 -1.20 1.54
CA ILE A 116 -13.44 -1.76 0.19
C ILE A 116 -14.15 -3.10 0.10
N GLN A 117 -13.76 -4.05 0.93
CA GLN A 117 -14.37 -5.38 0.86
C GLN A 117 -15.78 -5.37 1.47
N GLU A 118 -16.00 -4.47 2.42
CA GLU A 118 -17.28 -4.34 3.08
C GLU A 118 -18.36 -3.77 2.16
N GLU A 119 -17.99 -2.74 1.40
CA GLU A 119 -18.93 -2.07 0.51
C GLU A 119 -18.73 -2.43 -0.95
N GLN A 120 -17.88 -3.42 -1.20
CA GLN A 120 -17.54 -3.86 -2.57
C GLN A 120 -17.15 -2.69 -3.46
N ILE A 121 -16.25 -1.86 -2.95
CA ILE A 121 -15.77 -0.66 -3.64
C ILE A 121 -14.76 -1.01 -4.74
N LEU A 122 -14.81 -0.27 -5.84
CA LEU A 122 -13.91 -0.51 -6.96
C LEU A 122 -12.58 0.23 -6.79
N GLU A 123 -11.59 -0.46 -6.23
CA GLU A 123 -10.27 0.15 -6.03
C GLU A 123 -9.45 0.20 -7.31
N ILE A 124 -8.94 1.38 -7.63
CA ILE A 124 -8.09 1.55 -8.81
C ILE A 124 -6.70 2.07 -8.44
N ASP A 125 -5.79 2.05 -9.42
CA ASP A 125 -4.43 2.51 -9.21
C ASP A 125 -4.02 3.44 -10.35
N CYS A 126 -3.81 4.71 -10.01
CA CYS A 126 -3.53 5.70 -11.03
C CYS A 126 -2.13 6.28 -10.89
N THR A 127 -1.65 6.91 -11.95
CA THR A 127 -0.31 7.49 -11.94
C THR A 127 -0.29 8.75 -11.08
N MET A 128 0.87 9.04 -10.53
CA MET A 128 1.02 10.25 -9.73
C MET A 128 1.29 11.43 -10.64
N LEU A 129 1.88 11.14 -11.80
CA LEU A 129 2.13 12.17 -12.79
C LEU A 129 0.81 12.59 -13.41
N THR A 130 0.61 13.90 -13.50
CA THR A 130 -0.62 14.46 -14.01
C THR A 130 -0.32 15.60 -14.99
N PRO A 131 -0.89 15.54 -16.20
CA PRO A 131 -0.71 16.63 -17.15
C PRO A 131 -1.38 17.92 -16.69
N GLU A 132 -0.92 19.05 -17.19
CA GLU A 132 -1.39 20.36 -16.72
C GLU A 132 -2.87 20.69 -17.02
N PRO A 133 -3.40 20.31 -18.20
CA PRO A 133 -4.80 20.68 -18.45
C PRO A 133 -5.79 20.07 -17.47
N VAL A 134 -5.48 18.88 -16.97
CA VAL A 134 -6.33 18.20 -16.01
C VAL A 134 -6.49 19.04 -14.75
N LEU A 135 -5.37 19.53 -14.23
CA LEU A 135 -5.34 20.28 -12.98
C LEU A 135 -5.79 21.72 -13.16
N LYS A 136 -5.70 22.25 -14.38
CA LYS A 136 -6.21 23.59 -14.64
C LYS A 136 -7.74 23.53 -14.66
N THR A 137 -8.28 22.40 -15.09
CA THR A 137 -9.71 22.18 -15.14
C THR A 137 -10.34 22.10 -13.75
N SER A 138 -9.69 21.38 -12.84
CA SER A 138 -10.17 21.28 -11.48
C SER A 138 -9.84 22.55 -10.70
N GLY A 139 -9.08 23.44 -11.32
CA GLY A 139 -8.77 24.72 -10.72
C GLY A 139 -7.61 24.68 -9.74
N HIS A 140 -6.95 23.53 -9.63
CA HIS A 140 -5.78 23.43 -8.76
C HIS A 140 -4.66 24.37 -9.18
N VAL A 141 -4.41 24.43 -10.49
CA VAL A 141 -3.34 25.27 -11.02
C VAL A 141 -3.58 26.74 -10.72
N ASP A 142 -4.82 27.18 -10.95
CA ASP A 142 -5.17 28.57 -10.74
C ASP A 142 -5.20 28.92 -9.25
N LYS A 143 -5.54 27.95 -8.41
CA LYS A 143 -5.76 28.23 -6.99
C LYS A 143 -4.50 28.16 -6.12
N PHE A 144 -3.39 27.68 -6.67
CA PHE A 144 -2.19 27.47 -5.85
C PHE A 144 -0.91 27.99 -6.48
N ALA A 145 -1.04 29.04 -7.28
CA ALA A 145 0.11 29.87 -7.63
C ALA A 145 0.02 31.13 -6.76
N ASP A 146 1.14 31.77 -6.49
CA ASP A 146 1.15 32.90 -5.56
C ASP A 146 2.07 34.05 -5.96
N PHE A 147 2.38 34.88 -4.97
CA PHE A 147 3.17 36.10 -5.17
C PHE A 147 4.57 35.79 -5.71
N VAL A 222 8.36 37.14 -9.62
CA VAL A 222 8.51 35.69 -9.51
C VAL A 222 7.30 35.08 -8.80
N SER A 223 6.75 34.03 -9.40
CA SER A 223 5.62 33.31 -8.80
C SER A 223 5.97 31.85 -8.54
N PHE A 224 5.54 31.33 -7.40
CA PHE A 224 5.83 29.96 -7.01
C PHE A 224 4.57 29.18 -6.72
N ASN A 225 4.50 27.94 -7.23
CA ASN A 225 3.32 27.13 -7.06
C ASN A 225 3.45 26.16 -5.89
N LEU A 226 2.35 25.98 -5.15
CA LEU A 226 2.33 25.07 -4.02
C LEU A 226 2.19 23.61 -4.47
N MET A 227 2.30 23.39 -5.78
CA MET A 227 2.37 22.05 -6.33
C MET A 227 3.77 21.76 -6.87
N PHE A 228 4.07 20.49 -7.11
CA PHE A 228 5.34 20.11 -7.71
C PHE A 228 5.20 20.01 -9.22
N LYS A 229 5.79 20.96 -9.93
CA LYS A 229 5.73 20.98 -11.39
C LYS A 229 6.88 20.18 -11.99
N THR A 230 6.62 19.55 -13.13
CA THR A 230 7.63 18.76 -13.82
C THR A 230 7.29 18.73 -15.30
N PHE A 231 8.10 18.03 -16.09
CA PHE A 231 7.87 17.93 -17.52
C PHE A 231 8.00 16.49 -17.99
N ILE A 232 7.14 16.13 -18.95
CA ILE A 232 7.06 14.75 -19.42
C ILE A 232 7.63 14.58 -20.81
N GLY A 233 8.69 13.77 -20.93
CA GLY A 233 9.22 13.38 -22.22
C GLY A 233 10.51 14.08 -22.62
N PRO A 234 10.63 14.38 -23.93
CA PRO A 234 11.73 15.09 -24.59
C PRO A 234 12.33 16.21 -23.74
N GLY A 235 11.64 17.34 -23.71
CA GLY A 235 12.04 18.48 -22.92
C GLY A 235 10.84 19.05 -22.18
N GLY A 236 10.36 20.20 -22.65
CA GLY A 236 9.25 20.87 -22.01
C GLY A 236 7.99 20.85 -22.85
N ASN A 237 7.81 19.77 -23.59
CA ASN A 237 6.67 19.63 -24.48
C ASN A 237 5.36 19.50 -23.69
N MET A 238 5.44 18.88 -22.51
CA MET A 238 4.24 18.62 -21.72
C MET A 238 4.45 18.89 -20.24
N PRO A 239 4.06 20.10 -19.79
CA PRO A 239 4.14 20.47 -18.37
C PRO A 239 3.16 19.68 -17.53
N GLY A 240 3.64 19.14 -16.41
CA GLY A 240 2.80 18.34 -15.55
C GLY A 240 3.08 18.57 -14.08
N TYR A 241 2.21 18.04 -13.24
CA TYR A 241 2.37 18.15 -11.80
C TYR A 241 2.28 16.79 -11.13
N LEU A 242 2.81 16.69 -9.92
CA LEU A 242 2.54 15.53 -9.09
C LEU A 242 1.17 15.73 -8.47
N ARG A 243 0.34 14.70 -8.48
CA ARG A 243 -1.03 14.84 -7.97
C ARG A 243 -1.04 15.35 -6.54
N PRO A 244 -1.88 16.35 -6.27
CA PRO A 244 -2.08 16.89 -4.93
C PRO A 244 -3.03 16.01 -4.15
N GLU A 245 -3.85 15.29 -4.89
CA GLU A 245 -4.85 14.42 -4.32
C GLU A 245 -4.97 13.15 -5.14
N THR A 246 -5.76 12.21 -4.63
CA THR A 246 -5.90 10.91 -5.25
C THR A 246 -7.23 10.83 -6.03
N ALA A 247 -8.10 11.79 -5.75
CA ALA A 247 -9.45 11.83 -6.30
C ALA A 247 -9.54 11.83 -7.83
N GLN A 248 -8.75 12.67 -8.48
CA GLN A 248 -8.94 12.94 -9.91
C GLN A 248 -8.80 11.71 -10.80
N GLY A 249 -7.97 10.74 -10.39
CA GLY A 249 -7.84 9.50 -11.13
C GLY A 249 -9.14 8.70 -11.23
N ILE A 250 -10.00 8.87 -10.25
CA ILE A 250 -11.29 8.17 -10.23
C ILE A 250 -12.27 8.84 -11.20
N PHE A 251 -12.42 10.16 -11.07
CA PHE A 251 -13.28 10.94 -11.95
C PHE A 251 -12.96 10.72 -13.44
N LEU A 252 -11.67 10.74 -13.78
CA LEU A 252 -11.28 10.62 -15.18
C LEU A 252 -11.51 9.22 -15.73
N ASN A 253 -11.68 8.25 -14.84
CA ASN A 253 -11.99 6.89 -15.27
C ASN A 253 -13.44 6.52 -14.99
N PHE A 254 -14.28 7.53 -14.77
CA PHE A 254 -15.67 7.30 -14.41
C PHE A 254 -16.37 6.36 -15.39
N LYS A 255 -16.18 6.61 -16.68
CA LYS A 255 -16.90 5.87 -17.72
C LYS A 255 -16.65 4.36 -17.67
N ARG A 256 -15.42 3.97 -17.40
CA ARG A 256 -15.09 2.55 -17.36
C ARG A 256 -15.44 1.95 -16.00
N LEU A 257 -15.39 2.78 -14.97
CA LEU A 257 -15.83 2.37 -13.65
C LEU A 257 -17.33 2.07 -13.66
N LEU A 258 -18.10 3.00 -14.23
CA LEU A 258 -19.54 2.84 -14.34
C LEU A 258 -19.89 1.61 -15.17
N GLU A 259 -19.23 1.48 -16.32
CA GLU A 259 -19.42 0.34 -17.19
C GLU A 259 -19.13 -0.96 -16.46
N PHE A 260 -18.12 -0.94 -15.59
CA PHE A 260 -17.75 -2.14 -14.83
C PHE A 260 -18.86 -2.53 -13.86
N ASN A 261 -19.54 -1.53 -13.32
CA ASN A 261 -20.71 -1.74 -12.50
C ASN A 261 -21.95 -1.82 -13.37
N GLN A 262 -21.72 -2.05 -14.67
CA GLN A 262 -22.77 -2.24 -15.67
C GLN A 262 -23.80 -1.14 -15.70
N GLY A 263 -23.32 0.10 -15.59
CA GLY A 263 -24.17 1.27 -15.74
C GLY A 263 -25.11 1.54 -14.59
N LYS A 264 -25.02 0.74 -13.54
CA LYS A 264 -25.90 0.89 -12.38
C LYS A 264 -25.35 1.84 -11.32
N LEU A 265 -26.21 2.70 -10.81
CA LEU A 265 -25.90 3.47 -9.60
C LEU A 265 -26.70 2.86 -8.46
N PRO A 266 -26.14 2.91 -7.23
CA PRO A 266 -24.88 3.58 -6.89
C PRO A 266 -23.67 2.67 -6.99
N PHE A 267 -22.48 3.26 -6.97
CA PHE A 267 -21.26 2.50 -6.80
C PHE A 267 -20.18 3.39 -6.21
N ALA A 268 -19.04 2.79 -5.88
CA ALA A 268 -17.96 3.54 -5.26
C ALA A 268 -16.60 3.09 -5.77
N ALA A 269 -15.71 4.05 -5.98
CA ALA A 269 -14.34 3.75 -6.37
C ALA A 269 -13.39 4.29 -5.32
N ALA A 270 -12.19 3.72 -5.28
CA ALA A 270 -11.22 4.10 -4.27
C ALA A 270 -9.80 3.99 -4.81
N GLN A 271 -8.91 4.78 -4.25
CA GLN A 271 -7.49 4.60 -4.53
C GLN A 271 -6.66 4.94 -3.32
N ILE A 272 -5.67 4.11 -3.05
CA ILE A 272 -4.72 4.34 -1.98
C ILE A 272 -3.36 4.65 -2.59
N GLY A 273 -2.86 5.86 -2.36
CA GLY A 273 -1.58 6.24 -2.93
C GLY A 273 -1.02 7.53 -2.37
N ASN A 274 0.11 7.97 -2.90
CA ASN A 274 0.76 9.17 -2.40
C ASN A 274 0.24 10.42 -3.08
N SER A 275 0.25 11.51 -2.31
CA SER A 275 -0.16 12.81 -2.80
C SER A 275 0.91 13.82 -2.45
N PHE A 276 1.01 14.88 -3.23
CA PHE A 276 2.12 15.81 -3.07
C PHE A 276 1.66 17.24 -2.87
N ARG A 277 2.20 17.88 -1.85
CA ARG A 277 1.92 19.27 -1.52
C ARG A 277 3.23 20.01 -1.33
N ASN A 278 3.60 20.85 -2.28
CA ASN A 278 4.83 21.63 -2.11
C ASN A 278 4.63 22.74 -1.09
N GLU A 279 4.49 22.36 0.18
CA GLU A 279 4.20 23.30 1.24
C GLU A 279 5.38 24.26 1.45
N ILE A 280 5.05 25.54 1.64
CA ILE A 280 6.08 26.54 1.86
C ILE A 280 6.73 26.34 3.23
N SER A 281 5.97 25.79 4.17
CA SER A 281 6.56 25.44 5.45
C SER A 281 5.99 24.18 6.07
N PRO A 282 6.59 23.03 5.77
CA PRO A 282 6.28 21.78 6.46
C PRO A 282 6.67 21.86 7.93
N ARG A 283 5.75 21.52 8.81
CA ARG A 283 6.00 21.62 10.22
C ARG A 283 5.29 20.51 10.98
N SER A 284 5.64 20.35 12.25
CA SER A 284 4.96 19.43 13.16
C SER A 284 5.08 17.97 12.73
N GLY A 285 6.25 17.60 12.22
CA GLY A 285 6.50 16.23 11.80
C GLY A 285 5.55 15.74 10.72
N LEU A 286 4.85 14.65 11.00
CA LEU A 286 3.95 14.04 10.04
C LEU A 286 2.65 14.81 9.85
N ILE A 287 2.44 15.85 10.64
CA ILE A 287 1.17 16.57 10.62
C ILE A 287 0.99 17.30 9.31
N ARG A 288 2.02 18.05 8.88
CA ARG A 288 1.96 18.72 7.59
C ARG A 288 3.24 18.49 6.78
N VAL A 289 3.16 17.57 5.82
CA VAL A 289 4.32 17.15 5.06
C VAL A 289 4.15 17.47 3.58
N ARG A 290 5.22 17.27 2.81
CA ARG A 290 5.19 17.57 1.38
C ARG A 290 4.80 16.36 0.53
N GLU A 291 4.90 15.18 1.13
CA GLU A 291 4.45 13.95 0.50
C GLU A 291 3.80 13.09 1.57
N PHE A 292 2.62 12.56 1.28
CA PHE A 292 1.92 11.69 2.23
C PHE A 292 1.01 10.70 1.53
N THR A 293 0.64 9.64 2.24
CA THR A 293 -0.21 8.62 1.66
C THR A 293 -1.67 8.90 2.00
N MET A 294 -2.50 8.91 0.96
CA MET A 294 -3.91 9.26 1.09
C MET A 294 -4.79 8.12 0.58
N ALA A 295 -5.83 7.79 1.35
CA ALA A 295 -6.84 6.83 0.91
C ALA A 295 -8.13 7.57 0.63
N GLU A 296 -8.55 7.54 -0.63
CA GLU A 296 -9.71 8.32 -1.02
C GLU A 296 -10.83 7.41 -1.55
N ILE A 297 -12.06 7.82 -1.29
CA ILE A 297 -13.24 7.13 -1.78
C ILE A 297 -14.18 8.10 -2.47
N GLU A 298 -14.59 7.78 -3.69
CA GLU A 298 -15.63 8.55 -4.35
C GLU A 298 -16.88 7.68 -4.46
N HIS A 299 -17.91 8.05 -3.71
CA HIS A 299 -19.18 7.31 -3.74
C HIS A 299 -20.17 8.01 -4.66
N PHE A 300 -20.45 7.39 -5.81
CA PHE A 300 -21.33 7.99 -6.81
C PHE A 300 -22.78 7.54 -6.60
N VAL A 301 -23.69 8.49 -6.56
CA VAL A 301 -25.08 8.19 -6.20
C VAL A 301 -26.07 9.08 -6.95
N ASP A 302 -27.16 8.47 -7.42
CA ASP A 302 -28.26 9.19 -8.06
C ASP A 302 -28.89 10.20 -7.11
N PRO A 303 -28.90 11.48 -7.49
CA PRO A 303 -29.51 12.55 -6.68
C PRO A 303 -30.96 12.23 -6.29
N SER A 304 -31.65 11.51 -7.18
CA SER A 304 -33.00 11.04 -6.91
C SER A 304 -33.03 9.98 -5.80
N GLU A 305 -31.87 9.42 -5.50
CA GLU A 305 -31.78 8.29 -4.57
C GLU A 305 -30.67 8.45 -3.53
N LYS A 306 -30.61 9.60 -2.88
CA LYS A 306 -29.56 9.83 -1.90
C LYS A 306 -30.00 9.38 -0.50
N ASP A 307 -30.17 8.08 -0.35
CA ASP A 307 -30.47 7.47 0.94
C ASP A 307 -29.78 6.11 1.01
N HIS A 308 -28.95 5.93 2.03
CA HIS A 308 -28.12 4.73 2.15
C HIS A 308 -28.86 3.59 2.86
N PRO A 309 -28.91 2.42 2.21
CA PRO A 309 -29.61 1.22 2.70
C PRO A 309 -29.03 0.68 4.01
N LYS A 310 -27.75 0.88 4.26
CA LYS A 310 -27.10 0.34 5.44
C LYS A 310 -27.00 1.32 6.60
N PHE A 311 -27.69 2.45 6.51
CA PHE A 311 -27.50 3.52 7.49
C PHE A 311 -27.89 3.13 8.92
N GLN A 312 -28.85 2.22 9.08
CA GLN A 312 -29.29 1.84 10.42
C GLN A 312 -28.31 0.89 11.09
N ASN A 313 -27.23 0.58 10.38
CA ASN A 313 -26.12 -0.14 10.98
C ASN A 313 -25.28 0.80 11.82
N VAL A 314 -25.42 2.10 11.58
CA VAL A 314 -24.65 3.09 12.31
C VAL A 314 -25.52 4.13 13.01
N ALA A 315 -26.84 3.98 12.91
CA ALA A 315 -27.77 5.01 13.39
C ALA A 315 -27.65 5.25 14.90
N ASP A 316 -27.50 4.17 15.67
CA ASP A 316 -27.51 4.29 17.12
C ASP A 316 -26.13 4.53 17.73
N LEU A 317 -25.17 4.87 16.90
CA LEU A 317 -23.83 5.20 17.38
C LEU A 317 -23.83 6.58 18.02
N HIS A 318 -23.16 6.70 19.17
CA HIS A 318 -23.04 7.99 19.84
C HIS A 318 -21.63 8.56 19.69
N LEU A 319 -21.53 9.71 19.04
CA LEU A 319 -20.24 10.32 18.79
C LEU A 319 -20.32 11.83 18.86
N TYR A 320 -19.17 12.46 19.05
CA TYR A 320 -19.10 13.92 19.21
C TYR A 320 -19.27 14.62 17.87
N LEU A 321 -20.20 15.57 17.83
CA LEU A 321 -20.45 16.36 16.64
C LEU A 321 -20.26 17.83 16.96
N TYR A 322 -19.73 18.57 15.99
CA TYR A 322 -19.47 19.99 16.17
C TYR A 322 -20.03 20.72 14.96
N SER A 323 -21.34 20.95 14.97
CA SER A 323 -22.04 21.54 13.84
C SER A 323 -21.61 22.98 13.56
N ALA A 324 -21.91 23.48 12.36
CA ALA A 324 -21.62 24.86 12.02
C ALA A 324 -22.41 25.80 12.93
N LYS A 325 -23.66 25.44 13.23
CA LYS A 325 -24.47 26.17 14.19
C LYS A 325 -23.77 26.27 15.54
N ALA A 326 -23.28 25.13 16.04
CA ALA A 326 -22.61 25.08 17.33
C ALA A 326 -21.38 25.98 17.36
N GLN A 327 -20.62 25.96 16.26
CA GLN A 327 -19.39 26.75 16.14
C GLN A 327 -19.68 28.24 16.18
N VAL A 328 -20.67 28.69 15.41
CA VAL A 328 -21.00 30.11 15.33
C VAL A 328 -21.77 30.57 16.57
N SER A 329 -22.30 29.62 17.35
CA SER A 329 -23.01 29.94 18.58
C SER A 329 -22.07 30.05 19.76
N GLY A 330 -20.79 29.81 19.49
CA GLY A 330 -19.78 29.82 20.55
C GLY A 330 -19.86 28.56 21.40
N GLN A 331 -20.65 27.59 20.94
CA GLN A 331 -20.81 26.34 21.67
C GLN A 331 -19.62 25.41 21.51
N SER A 332 -19.63 24.33 22.27
CA SER A 332 -18.60 23.31 22.15
C SER A 332 -19.18 22.10 21.44
N ALA A 333 -18.34 21.08 21.20
CA ALA A 333 -18.80 19.85 20.58
C ALA A 333 -19.76 19.13 21.53
N ARG A 334 -20.62 18.29 20.97
CA ARG A 334 -21.67 17.66 21.76
C ARG A 334 -21.92 16.23 21.30
N LYS A 335 -21.91 15.30 22.24
CA LYS A 335 -22.10 13.89 21.94
C LYS A 335 -23.56 13.61 21.57
N MET A 336 -23.79 13.22 20.32
CA MET A 336 -25.15 12.96 19.84
C MET A 336 -25.32 11.52 19.37
N ARG A 337 -26.56 11.16 19.07
CA ARG A 337 -26.85 9.93 18.34
C ARG A 337 -26.83 10.24 16.85
N LEU A 338 -26.21 9.36 16.07
CA LEU A 338 -26.07 9.61 14.64
C LEU A 338 -27.44 9.71 13.96
N GLY A 339 -28.33 8.79 14.29
CA GLY A 339 -29.68 8.81 13.76
C GLY A 339 -30.41 10.12 14.01
N ASP A 340 -30.27 10.64 15.22
CA ASP A 340 -30.89 11.91 15.59
C ASP A 340 -30.32 13.05 14.74
N ALA A 341 -29.00 13.11 14.64
CA ALA A 341 -28.34 14.19 13.90
C ALA A 341 -28.71 14.20 12.43
N VAL A 342 -29.06 13.04 11.89
CA VAL A 342 -29.45 12.96 10.50
C VAL A 342 -30.91 13.41 10.34
N GLU A 343 -31.79 12.84 11.17
CA GLU A 343 -33.21 13.18 11.10
C GLU A 343 -33.47 14.65 11.43
N GLN A 344 -32.80 15.16 12.47
CA GLN A 344 -32.93 16.57 12.83
C GLN A 344 -32.43 17.49 11.72
N GLY A 345 -31.64 16.93 10.81
CA GLY A 345 -31.13 17.68 9.68
C GLY A 345 -29.76 18.29 9.92
N VAL A 346 -29.15 17.97 11.05
CA VAL A 346 -27.79 18.43 11.34
C VAL A 346 -26.84 17.88 10.30
N ILE A 347 -27.01 16.61 9.97
CA ILE A 347 -26.32 16.00 8.84
C ILE A 347 -27.33 15.85 7.71
N ASN A 348 -26.94 16.27 6.51
CA ASN A 348 -27.83 16.33 5.35
C ASN A 348 -28.56 15.02 5.06
N ASN A 349 -27.82 13.98 4.68
CA ASN A 349 -28.42 12.73 4.25
C ASN A 349 -27.80 11.50 4.91
N THR A 350 -28.43 10.35 4.71
CA THR A 350 -27.98 9.10 5.33
C THR A 350 -26.80 8.47 4.57
N VAL A 351 -26.46 9.01 3.40
CA VAL A 351 -25.28 8.51 2.69
C VAL A 351 -24.03 9.13 3.31
N LEU A 352 -24.06 10.46 3.48
CA LEU A 352 -22.98 11.16 4.15
C LEU A 352 -22.87 10.68 5.60
N GLY A 353 -24.02 10.38 6.19
CA GLY A 353 -24.08 9.93 7.57
C GLY A 353 -23.49 8.55 7.73
N TYR A 354 -23.82 7.65 6.80
CA TYR A 354 -23.28 6.30 6.83
C TYR A 354 -21.76 6.31 6.87
N PHE A 355 -21.17 7.14 6.02
CA PHE A 355 -19.71 7.20 5.91
C PHE A 355 -19.09 7.85 7.15
N ILE A 356 -19.80 8.80 7.74
CA ILE A 356 -19.34 9.37 9.01
C ILE A 356 -19.30 8.28 10.09
N GLY A 357 -20.35 7.47 10.17
CA GLY A 357 -20.40 6.37 11.10
C GLY A 357 -19.34 5.33 10.84
N ARG A 358 -19.11 5.02 9.56
CA ARG A 358 -18.12 4.03 9.19
C ARG A 358 -16.70 4.52 9.48
N ILE A 359 -16.48 5.82 9.27
CA ILE A 359 -15.19 6.45 9.57
C ILE A 359 -14.91 6.37 11.07
N TYR A 360 -15.92 6.71 11.85
CA TYR A 360 -15.83 6.62 13.30
C TYR A 360 -15.42 5.21 13.74
N LEU A 361 -16.12 4.20 13.22
CA LEU A 361 -15.86 2.82 13.56
C LEU A 361 -14.45 2.40 13.19
N TYR A 362 -13.98 2.91 12.06
CA TYR A 362 -12.66 2.57 11.56
C TYR A 362 -11.55 3.19 12.41
N LEU A 363 -11.68 4.49 12.64
CA LEU A 363 -10.65 5.23 13.37
C LEU A 363 -10.45 4.68 14.77
N THR A 364 -11.55 4.29 15.40
CA THR A 364 -11.49 3.75 16.75
C THR A 364 -10.92 2.33 16.73
N LYS A 365 -11.16 1.62 15.63
CA LYS A 365 -10.67 0.25 15.49
C LYS A 365 -9.15 0.18 15.43
N VAL A 366 -8.53 1.26 14.93
CA VAL A 366 -7.08 1.26 14.73
C VAL A 366 -6.34 1.94 15.87
N GLY A 367 -7.06 2.39 16.89
CA GLY A 367 -6.42 2.89 18.08
C GLY A 367 -6.75 4.31 18.50
N ILE A 368 -7.43 5.05 17.63
CA ILE A 368 -7.79 6.43 17.97
C ILE A 368 -8.88 6.42 19.05
N SER A 369 -8.69 7.24 20.07
CA SER A 369 -9.58 7.28 21.22
C SER A 369 -10.85 8.10 20.98
N PRO A 370 -12.03 7.50 21.27
CA PRO A 370 -13.34 8.11 21.05
C PRO A 370 -13.53 9.39 21.84
N ASP A 371 -12.87 9.46 22.99
CA ASP A 371 -12.96 10.64 23.85
C ASP A 371 -12.10 11.76 23.29
N LYS A 372 -11.28 11.43 22.30
CA LYS A 372 -10.40 12.41 21.67
C LYS A 372 -10.63 12.48 20.18
N LEU A 373 -11.88 12.29 19.78
CA LEU A 373 -12.26 12.29 18.38
C LEU A 373 -13.59 12.97 18.19
N ARG A 374 -13.65 13.95 17.28
CA ARG A 374 -14.89 14.64 16.97
C ARG A 374 -15.06 14.80 15.47
N PHE A 375 -16.30 15.00 15.04
CA PHE A 375 -16.58 15.33 13.64
C PHE A 375 -17.09 16.76 13.57
N ARG A 376 -16.35 17.60 12.85
CA ARG A 376 -16.63 19.03 12.79
C ARG A 376 -17.13 19.43 11.42
N GLN A 377 -18.31 20.01 11.37
CA GLN A 377 -18.89 20.49 10.10
C GLN A 377 -18.20 21.75 9.62
N HIS A 378 -18.07 21.90 8.31
CA HIS A 378 -17.48 23.09 7.73
C HIS A 378 -18.50 24.23 7.73
N MET A 379 -18.04 25.42 8.13
CA MET A 379 -18.84 26.64 8.12
C MET A 379 -18.94 27.20 6.70
N GLU A 380 -19.49 28.41 6.57
CA GLU A 380 -19.68 29.05 5.27
C GLU A 380 -18.36 29.46 4.61
N ASN A 381 -17.39 29.86 5.42
CA ASN A 381 -16.11 30.37 4.91
C ASN A 381 -15.07 29.29 4.65
N GLU A 382 -15.50 28.04 4.47
CA GLU A 382 -14.54 26.97 4.26
C GLU A 382 -15.05 25.90 3.28
N MET A 383 -16.23 26.13 2.72
CA MET A 383 -16.78 25.22 1.72
C MET A 383 -17.33 25.99 0.52
N ALA A 387 -20.74 22.02 -3.54
CA ALA A 387 -20.63 21.33 -2.26
C ALA A 387 -21.87 21.58 -1.40
N CYS A 388 -22.55 20.50 -1.04
CA CYS A 388 -23.77 20.59 -0.23
C CYS A 388 -23.48 20.53 1.27
N ASP A 389 -22.48 19.73 1.65
CA ASP A 389 -22.14 19.55 3.05
C ASP A 389 -20.74 18.96 3.20
N CYS A 390 -20.05 19.31 4.29
CA CYS A 390 -18.71 18.80 4.54
C CYS A 390 -18.44 18.63 6.04
N TRP A 391 -17.90 17.46 6.40
CA TRP A 391 -17.54 17.17 7.79
C TRP A 391 -16.12 16.62 7.88
N ASP A 392 -15.28 17.27 8.67
CA ASP A 392 -13.94 16.75 8.93
C ASP A 392 -13.93 15.91 10.20
N ALA A 393 -13.16 14.83 10.18
CA ALA A 393 -12.91 14.08 11.41
C ALA A 393 -11.64 14.65 12.04
N GLU A 394 -11.79 15.16 13.26
CA GLU A 394 -10.68 15.79 13.95
C GLU A 394 -10.31 15.03 15.22
N SER A 395 -9.02 14.78 15.40
CA SER A 395 -8.53 14.10 16.59
C SER A 395 -7.75 15.05 17.49
N LYS A 396 -7.94 14.94 18.80
CA LYS A 396 -7.25 15.84 19.73
C LYS A 396 -5.86 15.31 20.04
N THR A 397 -4.85 16.15 19.81
CA THR A 397 -3.46 15.77 19.97
C THR A 397 -2.69 16.83 20.73
N SER A 398 -1.39 16.62 20.86
CA SER A 398 -0.55 17.59 21.54
C SER A 398 -0.41 18.85 20.70
N TYR A 399 -0.82 18.76 19.44
CA TYR A 399 -0.80 19.90 18.54
C TYR A 399 -2.18 20.55 18.49
N GLY A 400 -3.11 20.03 19.27
CA GLY A 400 -4.48 20.51 19.25
C GLY A 400 -5.36 19.62 18.41
N TRP A 401 -6.47 20.17 17.91
CA TRP A 401 -7.36 19.42 17.04
C TRP A 401 -6.85 19.46 15.61
N ILE A 402 -6.74 18.29 15.00
CA ILE A 402 -6.26 18.16 13.63
C ILE A 402 -7.17 17.26 12.80
N GLU A 403 -7.42 17.69 11.56
CA GLU A 403 -8.23 16.90 10.64
C GLU A 403 -7.45 15.69 10.15
N ILE A 404 -8.06 14.52 10.24
CA ILE A 404 -7.40 13.31 9.77
C ILE A 404 -8.21 12.69 8.66
N VAL A 405 -9.52 12.91 8.67
CA VAL A 405 -10.39 12.45 7.59
C VAL A 405 -11.40 13.52 7.21
N GLY A 406 -11.33 13.98 5.95
CA GLY A 406 -12.37 14.84 5.43
C GLY A 406 -13.47 14.01 4.79
N CYS A 407 -14.72 14.40 4.99
CA CYS A 407 -15.83 13.73 4.32
C CYS A 407 -16.80 14.75 3.70
N ALA A 408 -16.61 15.02 2.42
CA ALA A 408 -17.36 16.08 1.74
C ALA A 408 -18.54 15.57 0.90
N ASP A 409 -19.58 16.39 0.77
CA ASP A 409 -20.64 16.16 -0.20
C ASP A 409 -20.48 17.19 -1.31
N ARG A 410 -20.00 16.72 -2.46
CA ARG A 410 -19.63 17.60 -3.57
C ARG A 410 -20.48 17.23 -4.78
N SER A 411 -21.80 17.28 -4.60
CA SER A 411 -22.79 16.68 -5.51
C SER A 411 -22.32 16.58 -6.97
N CYS A 412 -22.61 17.59 -7.77
CA CYS A 412 -22.05 17.65 -9.12
C CYS A 412 -20.99 18.76 -9.25
N TYR A 413 -19.93 18.44 -9.99
CA TYR A 413 -18.82 19.37 -10.21
C TYR A 413 -17.68 18.74 -10.99
N ASP A 414 -16.85 17.97 -10.28
CA ASP A 414 -15.65 17.39 -10.86
C ASP A 414 -15.98 16.53 -12.08
N LEU A 415 -17.06 15.76 -12.00
CA LEU A 415 -17.53 15.01 -13.16
C LEU A 415 -17.99 15.98 -14.24
N SER A 416 -18.75 17.01 -13.85
CA SER A 416 -19.26 18.01 -14.79
C SER A 416 -18.16 18.88 -15.38
N CYS A 417 -17.24 19.32 -14.51
CA CYS A 417 -16.13 20.17 -14.91
C CYS A 417 -15.22 19.48 -15.93
N HIS A 418 -14.88 18.23 -15.68
CA HIS A 418 -14.07 17.46 -16.62
C HIS A 418 -14.84 17.15 -17.90
N ALA A 419 -16.14 16.94 -17.75
CA ALA A 419 -17.01 16.64 -18.89
C ALA A 419 -16.97 17.78 -19.91
N ARG A 420 -17.27 18.99 -19.47
CA ARG A 420 -17.26 20.15 -20.34
C ARG A 420 -15.83 20.39 -20.87
N ALA A 421 -14.84 20.28 -20.00
CA ALA A 421 -13.45 20.50 -20.40
C ALA A 421 -13.03 19.65 -21.59
N THR A 422 -13.39 18.37 -21.54
CA THR A 422 -12.96 17.41 -22.55
C THR A 422 -14.01 17.16 -23.61
N LYS A 423 -15.20 17.73 -23.40
CA LYS A 423 -16.37 17.50 -24.26
C LYS A 423 -16.79 16.02 -24.24
N VAL A 424 -16.38 15.29 -23.21
CA VAL A 424 -16.78 13.90 -23.05
C VAL A 424 -17.83 13.78 -21.95
N PRO A 425 -19.06 13.41 -22.33
CA PRO A 425 -20.13 13.23 -21.34
C PRO A 425 -19.81 12.13 -20.32
N LEU A 426 -19.72 12.51 -19.06
CA LEU A 426 -19.49 11.56 -17.97
C LEU A 426 -20.75 11.44 -17.11
N VAL A 427 -21.73 10.70 -17.58
CA VAL A 427 -22.98 10.53 -16.85
C VAL A 427 -23.49 9.09 -16.90
N ALA A 428 -24.46 8.81 -16.03
CA ALA A 428 -25.16 7.53 -16.08
C ALA A 428 -26.52 7.78 -16.72
N GLU A 429 -27.29 6.71 -16.91
CA GLU A 429 -28.62 6.84 -17.48
C GLU A 429 -29.56 5.75 -16.94
N LYS A 430 -30.82 6.12 -16.73
CA LYS A 430 -31.84 5.16 -16.32
C LYS A 430 -33.02 5.21 -17.29
N PRO A 431 -33.56 4.04 -17.65
CA PRO A 431 -34.67 3.97 -18.59
C PRO A 431 -35.94 4.58 -18.04
N LEU A 432 -36.53 5.52 -18.79
CA LEU A 432 -37.80 6.11 -18.41
C LEU A 432 -38.90 5.06 -18.46
N LYS A 433 -39.81 5.11 -17.48
CA LYS A 433 -40.94 4.20 -17.45
C LYS A 433 -41.87 4.49 -18.62
N GLU A 434 -42.33 5.74 -18.70
CA GLU A 434 -43.19 6.19 -19.79
C GLU A 434 -42.46 7.19 -20.68
N PRO A 435 -42.10 6.75 -21.90
CA PRO A 435 -41.40 7.59 -22.88
C PRO A 435 -42.08 8.94 -23.11
N LYS A 436 -41.29 9.94 -23.51
CA LYS A 436 -41.81 11.29 -23.72
C LYS A 436 -41.99 11.60 -25.20
N PHE A 507 -39.76 20.22 -29.25
CA PHE A 507 -39.23 19.01 -28.61
C PHE A 507 -39.85 17.76 -29.20
N GLN A 508 -39.58 17.51 -30.48
CA GLN A 508 -40.25 16.43 -31.20
C GLN A 508 -39.56 15.07 -31.03
N LYS A 509 -38.63 14.98 -30.08
CA LYS A 509 -37.97 13.71 -29.79
C LYS A 509 -38.74 12.92 -28.74
N THR A 510 -38.74 11.60 -28.89
CA THR A 510 -39.32 10.73 -27.88
C THR A 510 -38.21 10.12 -27.02
N LEU A 511 -38.15 10.51 -25.76
CA LEU A 511 -37.11 10.04 -24.87
C LEU A 511 -37.41 8.63 -24.37
N TYR A 512 -36.35 7.85 -24.15
CA TYR A 512 -36.50 6.53 -23.56
C TYR A 512 -35.71 6.43 -22.27
N VAL A 513 -34.65 7.24 -22.17
CA VAL A 513 -33.85 7.30 -20.95
C VAL A 513 -33.59 8.75 -20.55
N GLU A 514 -33.30 8.96 -19.28
CA GLU A 514 -32.86 10.26 -18.80
C GLU A 514 -31.43 10.14 -18.26
N GLU A 515 -30.59 11.10 -18.60
CA GLU A 515 -29.21 11.08 -18.12
C GLU A 515 -29.19 11.48 -16.65
N VAL A 516 -28.29 10.86 -15.89
CA VAL A 516 -28.16 11.15 -14.48
C VAL A 516 -26.77 11.68 -14.18
N VAL A 517 -26.70 12.87 -13.60
CA VAL A 517 -25.41 13.42 -13.17
C VAL A 517 -25.24 13.05 -11.70
N PRO A 518 -24.36 12.08 -11.43
CA PRO A 518 -24.24 11.50 -10.09
C PRO A 518 -23.72 12.50 -9.06
N ASN A 519 -24.23 12.41 -7.84
CA ASN A 519 -23.61 13.13 -6.72
C ASN A 519 -22.43 12.33 -6.19
N VAL A 520 -21.48 13.03 -5.59
CA VAL A 520 -20.29 12.39 -5.08
C VAL A 520 -20.10 12.63 -3.58
N ILE A 521 -19.97 11.56 -2.82
CA ILE A 521 -19.55 11.64 -1.42
C ILE A 521 -18.10 11.19 -1.31
N GLU A 522 -17.25 12.04 -0.75
CA GLU A 522 -15.81 11.78 -0.75
C GLU A 522 -15.14 11.81 0.62
N PRO A 523 -14.96 10.63 1.23
CA PRO A 523 -14.08 10.48 2.40
C PRO A 523 -12.60 10.44 2.03
N SER A 524 -11.82 11.40 2.50
CA SER A 524 -10.37 11.41 2.27
C SER A 524 -9.62 11.13 3.57
N PHE A 525 -8.78 10.10 3.55
CA PHE A 525 -8.05 9.69 4.75
C PHE A 525 -6.56 10.06 4.65
N GLY A 526 -6.08 10.83 5.61
CA GLY A 526 -4.66 11.13 5.72
C GLY A 526 -4.00 10.11 6.62
N LEU A 527 -3.41 9.07 6.04
CA LEU A 527 -2.91 7.94 6.81
C LEU A 527 -1.75 8.31 7.74
N GLY A 528 -0.91 9.25 7.31
CA GLY A 528 0.16 9.75 8.16
C GLY A 528 -0.36 10.32 9.47
N ARG A 529 -1.35 11.21 9.38
CA ARG A 529 -1.94 11.83 10.56
C ARG A 529 -2.68 10.82 11.42
N ILE A 530 -3.42 9.94 10.76
CA ILE A 530 -4.10 8.84 11.44
C ILE A 530 -3.10 8.03 12.25
N MET A 531 -1.98 7.71 11.62
CA MET A 531 -0.90 6.97 12.25
C MET A 531 -0.29 7.75 13.42
N TYR A 532 -0.08 9.05 13.25
CA TYR A 532 0.48 9.86 14.31
C TYR A 532 -0.49 10.01 15.48
N THR A 533 -1.77 10.09 15.16
CA THR A 533 -2.80 10.14 16.19
C THR A 533 -2.78 8.86 17.01
N VAL A 534 -2.67 7.72 16.34
CA VAL A 534 -2.56 6.43 17.01
C VAL A 534 -1.34 6.40 17.94
N PHE A 535 -0.21 6.91 17.45
CA PHE A 535 1.00 7.04 18.28
C PHE A 535 0.72 7.74 19.61
N GLU A 536 0.02 8.88 19.56
CA GLU A 536 -0.25 9.64 20.77
C GLU A 536 -1.30 8.97 21.65
N HIS A 537 -2.35 8.47 21.03
CA HIS A 537 -3.46 7.88 21.78
C HIS A 537 -3.14 6.50 22.35
N THR A 538 -2.00 5.94 21.96
CA THR A 538 -1.62 4.62 22.47
C THR A 538 -0.30 4.66 23.24
N PHE A 539 0.30 5.85 23.36
CA PHE A 539 1.58 5.96 24.05
C PHE A 539 1.39 5.98 25.57
N HIS A 540 2.14 5.10 26.23
CA HIS A 540 2.11 5.02 27.69
C HIS A 540 3.50 4.83 28.25
N VAL A 541 3.69 5.25 29.49
CA VAL A 541 4.94 5.05 30.22
C VAL A 541 4.70 4.16 31.43
N ARG A 542 5.52 3.14 31.61
CA ARG A 542 5.39 2.24 32.77
C ARG A 542 5.55 3.02 34.07
N GLU A 543 4.70 2.71 35.05
CA GLU A 543 4.65 3.47 36.30
C GLU A 543 5.94 3.40 37.11
N GLY A 544 6.67 2.29 37.00
CA GLY A 544 7.88 2.08 37.76
C GLY A 544 9.12 2.70 37.14
N ASP A 545 9.32 2.41 35.86
CA ASP A 545 10.53 2.84 35.16
C ASP A 545 10.21 3.85 34.06
N GLU A 546 10.71 5.08 34.21
CA GLU A 546 10.43 6.13 33.24
C GLU A 546 11.07 5.86 31.87
N GLN A 547 12.06 4.98 31.85
CA GLN A 547 12.74 4.63 30.60
C GLN A 547 11.89 3.63 29.81
N ARG A 548 11.11 2.83 30.54
CA ARG A 548 10.22 1.85 29.90
C ARG A 548 8.98 2.52 29.35
N THR A 549 8.95 2.70 28.04
CA THR A 549 7.80 3.26 27.35
C THR A 549 7.21 2.20 26.44
N PHE A 550 5.93 2.31 26.12
CA PHE A 550 5.32 1.34 25.22
C PHE A 550 4.10 1.91 24.50
N PHE A 551 3.71 1.24 23.42
CA PHE A 551 2.54 1.63 22.64
C PHE A 551 1.42 0.60 22.75
N SER A 552 0.24 1.06 23.16
CA SER A 552 -0.91 0.16 23.29
C SER A 552 -1.67 0.01 21.98
N PHE A 553 -0.96 -0.40 20.92
CA PHE A 553 -1.57 -0.72 19.64
C PHE A 553 -2.60 -1.83 19.78
N PRO A 554 -3.81 -1.62 19.24
CA PRO A 554 -4.77 -2.70 19.08
C PRO A 554 -4.11 -3.89 18.38
N ALA A 555 -4.49 -5.11 18.78
CA ALA A 555 -3.84 -6.32 18.26
C ALA A 555 -3.88 -6.40 16.73
N VAL A 556 -5.00 -5.97 16.15
CA VAL A 556 -5.17 -6.06 14.70
C VAL A 556 -4.21 -5.18 13.93
N VAL A 557 -3.72 -4.11 14.54
CA VAL A 557 -2.81 -3.21 13.84
C VAL A 557 -1.39 -3.27 14.39
N ALA A 558 -1.21 -3.95 15.52
CA ALA A 558 0.13 -4.13 16.08
C ALA A 558 1.06 -4.76 15.04
N PRO A 559 2.19 -4.10 14.74
CA PRO A 559 3.14 -4.57 13.74
C PRO A 559 3.65 -5.97 14.06
N PHE A 560 4.06 -6.18 15.32
CA PHE A 560 4.43 -7.51 15.77
C PHE A 560 3.37 -8.04 16.72
N LYS A 561 2.73 -9.13 16.33
CA LYS A 561 1.71 -9.75 17.15
C LYS A 561 2.34 -10.42 18.37
N CYS A 562 3.57 -10.90 18.19
CA CYS A 562 4.19 -11.73 19.21
C CYS A 562 5.71 -11.52 19.31
N SER A 563 6.28 -11.94 20.44
CA SER A 563 7.73 -11.99 20.58
C SER A 563 8.15 -13.31 21.22
N VAL A 564 9.22 -13.89 20.70
CA VAL A 564 9.75 -15.13 21.24
C VAL A 564 10.98 -14.86 22.09
N LEU A 565 10.89 -15.16 23.38
CA LEU A 565 11.93 -14.76 24.32
C LEU A 565 12.40 -15.89 25.23
N PRO A 566 13.60 -16.42 24.94
CA PRO A 566 14.25 -17.31 25.91
C PRO A 566 14.57 -16.52 27.16
N LEU A 567 14.35 -17.10 28.33
CA LEU A 567 14.58 -16.41 29.59
C LEU A 567 16.04 -15.99 29.74
N SER A 568 16.93 -16.78 29.16
CA SER A 568 18.35 -16.45 29.17
C SER A 568 19.01 -16.85 27.86
N GLN A 569 20.24 -16.38 27.66
CA GLN A 569 21.03 -16.72 26.48
C GLN A 569 21.41 -18.19 26.50
N ASN A 570 21.12 -18.83 27.63
CA ASN A 570 21.32 -20.26 27.85
C ASN A 570 20.80 -21.13 26.70
N GLN A 571 21.50 -22.25 26.45
CA GLN A 571 21.36 -22.98 25.20
C GLN A 571 20.15 -23.92 25.13
N GLU A 572 19.70 -24.43 26.27
CA GLU A 572 18.58 -25.38 26.29
C GLU A 572 17.32 -24.77 25.67
N PHE A 573 17.21 -23.45 25.76
CA PHE A 573 16.05 -22.72 25.24
C PHE A 573 16.09 -22.60 23.71
N MET A 574 17.29 -22.50 23.16
CA MET A 574 17.49 -22.23 21.74
C MET A 574 16.72 -23.14 20.75
N PRO A 575 16.66 -24.46 21.01
CA PRO A 575 15.88 -25.25 20.04
C PRO A 575 14.38 -24.94 20.12
N PHE A 576 13.87 -24.66 21.31
CA PHE A 576 12.47 -24.31 21.50
C PHE A 576 12.15 -22.97 20.83
N VAL A 577 13.09 -22.05 20.89
CA VAL A 577 12.95 -20.76 20.22
C VAL A 577 12.84 -20.93 18.70
N LYS A 578 13.75 -21.71 18.13
CA LYS A 578 13.74 -21.99 16.69
C LYS A 578 12.42 -22.63 16.27
N GLU A 579 11.94 -23.55 17.10
CA GLU A 579 10.68 -24.24 16.85
C GLU A 579 9.53 -23.25 16.69
N LEU A 580 9.45 -22.30 17.62
CA LEU A 580 8.33 -21.39 17.70
C LEU A 580 8.27 -20.41 16.54
N SER A 581 9.42 -19.80 16.24
CA SER A 581 9.51 -18.82 15.15
C SER A 581 8.97 -19.36 13.85
N GLU A 582 9.47 -20.52 13.43
CA GLU A 582 9.03 -21.13 12.18
C GLU A 582 7.54 -21.45 12.22
N ALA A 583 7.07 -21.95 13.37
CA ALA A 583 5.67 -22.26 13.56
C ALA A 583 4.80 -21.01 13.37
N LEU A 584 5.18 -19.92 14.03
CA LEU A 584 4.47 -18.66 13.91
C LEU A 584 4.54 -18.15 12.48
N THR A 585 5.69 -18.33 11.83
CA THR A 585 5.88 -17.90 10.46
C THR A 585 4.92 -18.62 9.52
N ARG A 586 4.61 -19.88 9.84
CA ARG A 586 3.70 -20.66 9.01
C ARG A 586 2.24 -20.43 9.42
N HIS A 587 2.04 -19.75 10.55
CA HIS A 587 0.71 -19.35 10.98
C HIS A 587 0.38 -17.92 10.53
N GLY A 588 1.29 -17.33 9.76
CA GLY A 588 1.11 -15.97 9.27
C GLY A 588 1.21 -14.93 10.37
N VAL A 589 1.66 -15.36 11.55
CA VAL A 589 1.75 -14.50 12.72
C VAL A 589 3.05 -13.70 12.77
N SER A 590 2.97 -12.39 12.60
CA SER A 590 4.15 -11.53 12.68
C SER A 590 4.75 -11.59 14.08
N HIS A 591 6.05 -11.88 14.15
CA HIS A 591 6.70 -12.06 15.44
C HIS A 591 8.12 -11.49 15.43
N LYS A 592 8.67 -11.30 16.62
CA LYS A 592 10.03 -10.81 16.77
C LYS A 592 10.79 -11.68 17.75
N VAL A 593 11.83 -12.34 17.28
CA VAL A 593 12.66 -13.19 18.13
C VAL A 593 13.78 -12.39 18.78
N ASP A 594 13.92 -12.49 20.10
CA ASP A 594 15.00 -11.79 20.78
C ASP A 594 15.81 -12.73 21.68
N ASP A 595 16.93 -13.21 21.15
CA ASP A 595 17.83 -14.07 21.91
C ASP A 595 19.15 -13.35 22.18
N SER A 596 19.06 -12.05 22.43
CA SER A 596 20.23 -11.22 22.71
C SER A 596 20.77 -11.41 24.13
N SER A 597 21.84 -10.69 24.44
CA SER A 597 22.55 -10.86 25.70
C SER A 597 21.79 -10.28 26.90
N GLY A 598 20.78 -9.47 26.63
CA GLY A 598 20.07 -8.78 27.71
C GLY A 598 19.22 -9.68 28.57
N SER A 599 18.88 -9.18 29.76
CA SER A 599 17.94 -9.88 30.64
C SER A 599 16.55 -9.94 30.02
N ILE A 600 15.66 -10.70 30.65
CA ILE A 600 14.31 -10.84 30.14
C ILE A 600 13.55 -9.53 30.30
N GLY A 601 13.92 -8.75 31.30
CA GLY A 601 13.27 -7.48 31.55
C GLY A 601 13.67 -6.43 30.54
N ARG A 602 14.96 -6.40 30.19
CA ARG A 602 15.46 -5.52 29.15
C ARG A 602 14.77 -5.83 27.82
N ARG A 603 14.66 -7.11 27.50
CA ARG A 603 14.07 -7.54 26.25
C ARG A 603 12.55 -7.43 26.25
N TYR A 604 11.93 -7.47 27.42
CA TYR A 604 10.53 -7.11 27.56
C TYR A 604 10.36 -5.63 27.22
N ALA A 605 11.27 -4.81 27.75
CA ALA A 605 11.25 -3.37 27.52
C ALA A 605 11.39 -3.01 26.04
N ARG A 606 12.37 -3.62 25.36
CA ARG A 606 12.57 -3.45 23.92
C ARG A 606 11.31 -3.76 23.12
N THR A 607 10.68 -4.88 23.46
CA THR A 607 9.55 -5.39 22.69
C THR A 607 8.30 -4.57 22.96
N ASP A 608 8.11 -4.17 24.21
CA ASP A 608 6.98 -3.32 24.57
C ASP A 608 7.10 -1.96 23.90
N GLU A 609 8.34 -1.51 23.76
CA GLU A 609 8.66 -0.19 23.22
C GLU A 609 8.12 0.03 21.81
N ILE A 610 8.08 -1.04 21.03
CA ILE A 610 7.62 -0.97 19.65
C ILE A 610 6.21 -1.56 19.50
N GLY A 611 5.55 -1.81 20.62
CA GLY A 611 4.17 -2.24 20.62
C GLY A 611 3.89 -3.68 20.26
N VAL A 612 4.85 -4.57 20.55
CA VAL A 612 4.60 -5.99 20.38
C VAL A 612 3.42 -6.40 21.27
N ALA A 613 2.41 -7.01 20.65
CA ALA A 613 1.15 -7.28 21.34
C ALA A 613 1.29 -8.27 22.48
N PHE A 614 1.95 -9.40 22.21
CA PHE A 614 2.10 -10.45 23.21
C PHE A 614 3.52 -11.01 23.23
N GLY A 615 3.93 -11.54 24.38
CA GLY A 615 5.27 -12.07 24.53
C GLY A 615 5.29 -13.49 25.06
N VAL A 616 5.79 -14.41 24.25
CA VAL A 616 5.99 -15.78 24.70
C VAL A 616 7.37 -15.92 25.32
N THR A 617 7.43 -16.43 26.53
CA THR A 617 8.71 -16.59 27.23
C THR A 617 9.03 -18.06 27.47
N ILE A 618 10.16 -18.51 26.92
CA ILE A 618 10.60 -19.89 27.14
C ILE A 618 11.36 -19.98 28.46
N ASP A 619 10.84 -20.77 29.38
CA ASP A 619 11.42 -20.88 30.72
C ASP A 619 12.08 -22.23 30.94
N PHE A 620 12.37 -22.53 32.20
CA PHE A 620 13.00 -23.79 32.54
C PHE A 620 12.00 -24.94 32.53
N ASP A 621 10.75 -24.63 32.88
CA ASP A 621 9.69 -25.63 32.89
C ASP A 621 9.28 -25.99 31.47
N THR A 622 9.81 -25.27 30.50
CA THR A 622 9.60 -25.59 29.10
C THR A 622 10.40 -26.85 28.75
N VAL A 623 11.50 -27.04 29.46
CA VAL A 623 12.40 -28.16 29.18
C VAL A 623 12.38 -29.21 30.29
N ASN A 624 11.92 -28.82 31.48
CA ASN A 624 12.02 -29.69 32.65
C ASN A 624 10.81 -30.57 32.88
N LYS A 625 9.61 -30.03 32.65
CA LYS A 625 8.39 -30.77 32.96
C LYS A 625 7.79 -31.43 31.70
N THR A 626 7.00 -32.46 31.92
CA THR A 626 6.57 -33.38 30.85
C THR A 626 5.81 -32.70 29.70
N PRO A 627 4.72 -31.97 29.99
CA PRO A 627 4.16 -31.24 28.84
C PRO A 627 4.87 -29.90 28.64
N HIS A 628 5.55 -29.74 27.52
CA HIS A 628 6.37 -28.56 27.28
C HIS A 628 5.53 -27.30 27.08
N THR A 629 5.61 -26.41 28.07
CA THR A 629 4.72 -25.25 28.14
C THR A 629 5.48 -23.94 28.37
N ALA A 630 5.21 -22.96 27.52
CA ALA A 630 5.78 -21.62 27.70
C ALA A 630 4.74 -20.65 28.25
N THR A 631 5.18 -19.47 28.66
CA THR A 631 4.27 -18.45 29.16
C THR A 631 3.93 -17.42 28.09
N LEU A 632 2.68 -16.97 28.10
CA LEU A 632 2.21 -15.92 27.20
C LEU A 632 1.92 -14.65 27.98
N ARG A 633 2.48 -13.53 27.54
CA ARG A 633 2.40 -12.29 28.30
C ARG A 633 1.65 -11.19 27.55
N ASP A 634 0.72 -10.54 28.24
CA ASP A 634 -0.01 -9.41 27.69
C ASP A 634 0.80 -8.12 27.83
N ARG A 635 1.05 -7.44 26.69
CA ARG A 635 1.88 -6.24 26.66
C ARG A 635 1.43 -5.14 27.63
N ASP A 636 0.14 -4.89 27.69
CA ASP A 636 -0.36 -3.79 28.49
C ASP A 636 -0.32 -4.09 29.98
N SER A 637 -0.99 -5.17 30.39
CA SER A 637 -1.14 -5.51 31.81
C SER A 637 0.10 -6.15 32.41
N MET A 638 0.97 -6.68 31.53
CA MET A 638 2.15 -7.44 31.92
C MET A 638 1.81 -8.75 32.65
N ARG A 639 0.52 -9.07 32.75
CA ARG A 639 0.09 -10.34 33.34
C ARG A 639 0.34 -11.44 32.32
N GLN A 640 0.60 -12.66 32.80
CA GLN A 640 0.91 -13.76 31.90
C GLN A 640 0.31 -15.10 32.33
N ILE A 641 0.02 -15.95 31.34
CA ILE A 641 -0.49 -17.29 31.57
C ILE A 641 0.48 -18.35 31.08
N ARG A 642 0.04 -19.61 31.08
CA ARG A 642 0.90 -20.73 30.72
C ARG A 642 0.16 -21.72 29.83
N ALA A 643 0.77 -22.11 28.71
CA ALA A 643 0.09 -22.99 27.76
C ALA A 643 1.07 -23.83 26.94
N GLU A 644 0.54 -24.84 26.26
CA GLU A 644 1.35 -25.80 25.50
C GLU A 644 1.92 -25.23 24.22
N ILE A 645 3.25 -25.20 24.14
CA ILE A 645 3.99 -24.80 22.94
C ILE A 645 3.32 -25.24 21.64
N SER A 646 2.76 -26.44 21.66
CA SER A 646 2.00 -26.99 20.55
C SER A 646 0.93 -26.02 20.03
N GLU A 647 0.28 -25.32 20.95
CA GLU A 647 -0.95 -24.58 20.63
C GLU A 647 -0.83 -23.05 20.70
N LEU A 648 0.24 -22.53 21.28
CA LEU A 648 0.41 -21.08 21.39
C LEU A 648 0.40 -20.31 20.07
N PRO A 649 0.98 -20.87 18.99
CA PRO A 649 0.82 -20.16 17.72
C PRO A 649 -0.65 -19.99 17.31
N SER A 650 -1.49 -20.95 17.63
CA SER A 650 -2.93 -20.83 17.38
C SER A 650 -3.55 -19.77 18.29
N ILE A 651 -3.16 -19.81 19.56
CA ILE A 651 -3.63 -18.86 20.57
C ILE A 651 -3.26 -17.42 20.23
N VAL A 652 -2.02 -17.21 19.79
CA VAL A 652 -1.56 -15.89 19.43
C VAL A 652 -2.21 -15.43 18.13
N GLN A 653 -2.34 -16.35 17.19
CA GLN A 653 -3.02 -16.03 15.93
C GLN A 653 -4.44 -15.56 16.19
N ASP A 654 -5.12 -16.23 17.12
CA ASP A 654 -6.49 -15.90 17.49
C ASP A 654 -6.61 -14.50 18.08
N LEU A 655 -5.72 -14.18 19.01
CA LEU A 655 -5.69 -12.86 19.64
C LEU A 655 -5.37 -11.76 18.64
N ALA A 656 -4.54 -12.09 17.65
CA ALA A 656 -4.13 -11.10 16.66
C ALA A 656 -5.26 -10.83 15.67
N ASN A 657 -6.16 -11.79 15.51
CA ASN A 657 -7.28 -11.64 14.59
C ASN A 657 -8.53 -11.09 15.28
N GLY A 658 -8.53 -11.15 16.60
CA GLY A 658 -9.67 -10.68 17.37
C GLY A 658 -10.76 -11.71 17.51
N ASN A 659 -10.36 -12.97 17.68
CA ASN A 659 -11.31 -14.07 17.82
C ASN A 659 -11.40 -14.49 19.27
N ILE A 660 -10.45 -14.00 20.07
CA ILE A 660 -10.47 -14.12 21.52
C ILE A 660 -9.86 -12.87 22.12
N THR A 661 -10.15 -12.63 23.40
CA THR A 661 -9.56 -11.52 24.10
C THR A 661 -8.66 -12.06 25.19
N TRP A 662 -7.79 -11.20 25.72
CA TRP A 662 -6.86 -11.62 26.75
C TRP A 662 -7.59 -12.10 28.00
N ALA A 663 -8.78 -11.54 28.24
CA ALA A 663 -9.60 -11.96 29.35
C ALA A 663 -10.02 -13.42 29.17
N ASP A 664 -10.42 -13.75 27.96
CA ASP A 664 -10.82 -15.11 27.62
C ASP A 664 -9.64 -16.07 27.78
N VAL A 665 -8.46 -15.63 27.35
CA VAL A 665 -7.24 -16.42 27.46
C VAL A 665 -6.86 -16.67 28.94
N GLU A 666 -6.93 -15.61 29.74
CA GLU A 666 -6.68 -15.75 31.18
C GLU A 666 -7.70 -16.67 31.82
N ALA A 667 -8.90 -16.70 31.26
CA ALA A 667 -9.98 -17.52 31.80
C ALA A 667 -9.74 -19.01 31.53
N ARG A 668 -9.33 -19.32 30.30
CA ARG A 668 -9.18 -20.70 29.86
C ARG A 668 -7.90 -21.36 30.36
N TYR A 669 -6.80 -20.62 30.31
CA TYR A 669 -5.49 -21.16 30.66
C TYR A 669 -5.07 -20.67 32.05
N PRO A 670 -4.27 -21.48 32.76
CA PRO A 670 -3.90 -21.14 34.14
C PRO A 670 -2.97 -19.94 34.23
N LEU A 671 -3.08 -19.19 35.31
CA LEU A 671 -2.24 -18.01 35.52
C LEU A 671 -0.84 -18.46 35.88
N PHE A 672 0.11 -17.54 35.78
CA PHE A 672 1.52 -17.83 36.02
C PHE A 672 2.00 -17.29 37.36
N GLU A 673 2.01 -18.16 38.37
CA GLU A 673 2.42 -17.79 39.73
C GLU A 673 3.94 -17.68 39.87
N GLY A 674 4.66 -18.43 39.04
CA GLY A 674 6.11 -18.33 38.99
C GLY A 674 6.84 -19.60 38.61
N GLN A 675 8.16 -19.48 38.51
CA GLN A 675 9.03 -20.63 38.29
C GLN A 675 9.05 -21.47 39.54
N GLU A 676 9.13 -22.79 39.36
CA GLU A 676 9.44 -23.62 40.51
C GLU A 676 10.39 -24.77 40.16
N THR A 677 10.67 -24.97 38.88
CA THR A 677 11.77 -25.88 38.52
C THR A 677 13.12 -25.18 38.73
N GLY A 678 13.28 -24.00 38.12
CA GLY A 678 14.52 -23.26 38.24
C GLY A 678 15.67 -23.94 37.50
N ILE B 64 3.31 -16.86 -28.45
CA ILE B 64 2.44 -17.67 -29.29
C ILE B 64 0.96 -17.40 -28.92
N VAL B 65 0.72 -16.17 -28.46
CA VAL B 65 -0.62 -15.71 -28.09
C VAL B 65 -1.17 -14.69 -29.09
N ASP B 66 -2.50 -14.56 -29.15
CA ASP B 66 -3.11 -13.50 -29.93
C ASP B 66 -3.08 -12.21 -29.11
N ARG B 67 -1.96 -11.51 -29.18
CA ARG B 67 -1.74 -10.33 -28.35
C ARG B 67 -2.85 -9.29 -28.55
N ALA B 68 -3.31 -9.15 -29.79
CA ALA B 68 -4.41 -8.26 -30.12
C ALA B 68 -5.67 -8.62 -29.35
N LYS B 69 -6.06 -9.88 -29.40
CA LYS B 69 -7.28 -10.33 -28.74
C LYS B 69 -7.17 -10.18 -27.22
N MET B 70 -6.02 -10.56 -26.67
CA MET B 70 -5.78 -10.42 -25.24
C MET B 70 -5.89 -8.97 -24.79
N GLU B 71 -5.24 -8.07 -25.54
CA GLU B 71 -5.26 -6.66 -25.21
C GLU B 71 -6.65 -6.06 -25.35
N ASP B 72 -7.43 -6.58 -26.30
CA ASP B 72 -8.81 -6.17 -26.44
C ASP B 72 -9.59 -6.50 -25.16
N THR B 73 -9.36 -7.70 -24.63
CA THR B 73 -10.00 -8.14 -23.39
C THR B 73 -9.56 -7.28 -22.20
N LEU B 74 -8.25 -7.06 -22.08
CA LEU B 74 -7.69 -6.21 -21.05
C LEU B 74 -8.32 -4.81 -21.07
N LYS B 75 -8.48 -4.26 -22.26
CA LYS B 75 -9.06 -2.93 -22.43
C LYS B 75 -10.55 -2.91 -22.09
N ARG B 76 -11.29 -3.88 -22.62
CA ARG B 76 -12.74 -3.88 -22.48
C ARG B 76 -13.21 -4.03 -21.03
N ARG B 77 -12.58 -4.93 -20.28
CA ARG B 77 -12.99 -5.20 -18.91
C ARG B 77 -12.22 -4.33 -17.91
N PHE B 78 -11.47 -3.37 -18.43
CA PHE B 78 -10.74 -2.39 -17.62
C PHE B 78 -9.76 -3.07 -16.65
N PHE B 79 -8.86 -3.89 -17.19
CA PHE B 79 -7.73 -4.37 -16.42
C PHE B 79 -6.80 -3.19 -16.17
N TYR B 80 -6.48 -2.49 -17.25
CA TYR B 80 -5.78 -1.22 -17.17
C TYR B 80 -6.14 -0.38 -18.38
N ASP B 81 -5.65 0.85 -18.40
CA ASP B 81 -5.98 1.75 -19.51
C ASP B 81 -4.99 2.90 -19.53
N GLN B 82 -4.94 3.58 -20.66
CA GLN B 82 -4.17 4.81 -20.76
C GLN B 82 -4.63 5.79 -19.70
N ALA B 83 -3.68 6.32 -18.94
CA ALA B 83 -3.97 7.38 -18.00
C ALA B 83 -4.44 8.63 -18.75
N PHE B 84 -5.44 9.31 -18.21
CA PHE B 84 -5.94 10.56 -18.77
C PHE B 84 -6.40 10.41 -20.22
N ALA B 85 -7.06 9.30 -20.51
CA ALA B 85 -7.52 8.97 -21.85
C ALA B 85 -8.48 10.02 -22.42
N ILE B 86 -9.38 10.53 -21.60
CA ILE B 86 -10.36 11.50 -22.06
C ILE B 86 -9.74 12.88 -22.24
N TYR B 87 -8.46 13.00 -21.86
CA TYR B 87 -7.71 14.21 -22.09
C TYR B 87 -6.73 14.03 -23.24
N GLY B 88 -6.82 12.87 -23.90
CA GLY B 88 -5.94 12.55 -25.00
C GLY B 88 -5.00 11.42 -24.65
N GLY B 89 -4.64 11.33 -23.38
CA GLY B 89 -3.73 10.29 -22.92
C GLY B 89 -2.32 10.80 -22.76
N VAL B 90 -1.51 10.07 -22.01
CA VAL B 90 -0.10 10.36 -21.87
C VAL B 90 0.69 9.06 -21.99
N SER B 91 1.54 8.96 -23.00
CA SER B 91 2.26 7.72 -23.27
C SER B 91 3.14 7.33 -22.08
N GLY B 92 3.14 6.04 -21.77
CA GLY B 92 3.98 5.51 -20.71
C GLY B 92 3.30 5.58 -19.36
N LEU B 93 2.07 6.09 -19.34
CA LEU B 93 1.31 6.20 -18.10
C LEU B 93 0.01 5.40 -18.19
N TYR B 94 -0.19 4.51 -17.22
CA TYR B 94 -1.36 3.64 -17.24
C TYR B 94 -2.08 3.64 -15.90
N ASP B 95 -3.41 3.60 -15.98
CA ASP B 95 -4.23 3.44 -14.79
C ASP B 95 -4.75 2.01 -14.74
N PHE B 96 -4.55 1.34 -13.61
CA PHE B 96 -5.11 0.01 -13.40
C PHE B 96 -6.55 0.08 -12.89
N GLY B 97 -7.46 -0.58 -13.59
CA GLY B 97 -8.85 -0.64 -13.17
C GLY B 97 -9.04 -1.67 -12.06
N PRO B 98 -10.28 -1.86 -11.60
CA PRO B 98 -10.63 -2.71 -10.46
C PRO B 98 -10.01 -4.10 -10.49
N VAL B 99 -10.14 -4.80 -11.61
CA VAL B 99 -9.66 -6.17 -11.69
C VAL B 99 -8.14 -6.20 -11.76
N GLY B 100 -7.56 -5.26 -12.50
CA GLY B 100 -6.11 -5.15 -12.58
C GLY B 100 -5.49 -4.78 -11.26
N CYS B 101 -6.06 -3.79 -10.59
CA CYS B 101 -5.62 -3.36 -9.26
C CYS B 101 -5.68 -4.52 -8.28
N ALA B 102 -6.78 -5.26 -8.32
CA ALA B 102 -6.97 -6.42 -7.45
C ALA B 102 -5.87 -7.44 -7.68
N LEU B 103 -5.70 -7.83 -8.94
CA LEU B 103 -4.65 -8.77 -9.33
C LEU B 103 -3.29 -8.29 -8.85
N LYS B 104 -3.04 -6.99 -9.00
CA LYS B 104 -1.78 -6.40 -8.59
C LYS B 104 -1.57 -6.57 -7.10
N ASN B 105 -2.59 -6.22 -6.31
CA ASN B 105 -2.52 -6.37 -4.85
C ASN B 105 -2.19 -7.78 -4.40
N ASN B 106 -2.79 -8.76 -5.08
CA ASN B 106 -2.54 -10.16 -4.75
C ASN B 106 -1.11 -10.53 -5.07
N ILE B 107 -0.63 -10.03 -6.21
CA ILE B 107 0.76 -10.24 -6.60
C ILE B 107 1.70 -9.68 -5.52
N ILE B 108 1.42 -8.46 -5.06
CA ILE B 108 2.20 -7.82 -4.02
C ILE B 108 2.14 -8.56 -2.69
N GLN B 109 0.94 -9.00 -2.29
CA GLN B 109 0.77 -9.73 -1.04
C GLN B 109 1.49 -11.07 -1.09
N THR B 110 1.38 -11.76 -2.23
CA THR B 110 2.09 -13.02 -2.43
C THR B 110 3.59 -12.79 -2.34
N TRP B 111 4.04 -11.65 -2.89
CA TRP B 111 5.44 -11.28 -2.81
C TRP B 111 5.87 -11.06 -1.35
N ARG B 112 5.06 -10.33 -0.60
CA ARG B 112 5.34 -10.13 0.82
C ARG B 112 5.45 -11.45 1.57
N GLN B 113 4.51 -12.36 1.29
CA GLN B 113 4.51 -13.67 1.94
C GLN B 113 5.73 -14.49 1.53
N HIS B 114 6.04 -14.45 0.24
CA HIS B 114 7.12 -15.26 -0.32
C HIS B 114 8.52 -14.77 0.08
N PHE B 115 8.67 -13.46 0.30
CA PHE B 115 9.99 -12.89 0.57
C PHE B 115 10.10 -12.23 1.95
N ILE B 116 9.34 -11.17 2.16
CA ILE B 116 9.45 -10.37 3.38
C ILE B 116 9.14 -11.20 4.63
N GLN B 117 8.00 -11.86 4.64
CA GLN B 117 7.62 -12.68 5.80
C GLN B 117 8.55 -13.88 5.94
N GLU B 118 8.82 -14.55 4.82
CA GLU B 118 9.62 -15.78 4.80
C GLU B 118 11.06 -15.59 5.25
N GLU B 119 11.63 -14.44 4.93
CA GLU B 119 13.03 -14.17 5.27
C GLU B 119 13.14 -13.16 6.40
N GLN B 120 11.99 -12.77 6.95
CA GLN B 120 11.92 -11.74 7.99
C GLN B 120 12.69 -10.48 7.56
N ILE B 121 12.40 -10.03 6.34
CA ILE B 121 13.04 -8.86 5.76
C ILE B 121 12.49 -7.57 6.37
N LEU B 122 13.35 -6.56 6.49
CA LEU B 122 12.94 -5.26 6.99
C LEU B 122 12.37 -4.39 5.88
N GLU B 123 11.05 -4.30 5.78
CA GLU B 123 10.42 -3.46 4.77
C GLU B 123 10.24 -2.03 5.27
N ILE B 124 10.65 -1.08 4.44
CA ILE B 124 10.53 0.34 4.77
C ILE B 124 9.78 1.10 3.68
N ASP B 125 9.45 2.35 3.97
CA ASP B 125 8.64 3.15 3.06
C ASP B 125 9.18 4.57 2.97
N CYS B 126 9.83 4.88 1.85
CA CYS B 126 10.45 6.17 1.65
C CYS B 126 9.66 7.07 0.71
N THR B 127 10.12 8.31 0.57
CA THR B 127 9.47 9.26 -0.34
C THR B 127 9.99 9.09 -1.77
N MET B 128 9.19 9.53 -2.72
CA MET B 128 9.54 9.45 -4.13
C MET B 128 10.40 10.64 -4.52
N LEU B 129 10.09 11.79 -3.93
CA LEU B 129 10.90 12.99 -4.11
C LEU B 129 12.30 12.75 -3.59
N THR B 130 13.28 12.95 -4.45
CA THR B 130 14.67 12.75 -4.08
C THR B 130 15.48 13.98 -4.46
N PRO B 131 16.15 14.59 -3.46
CA PRO B 131 17.02 15.75 -3.72
C PRO B 131 18.15 15.41 -4.69
N GLU B 132 18.58 16.39 -5.47
CA GLU B 132 19.61 16.21 -6.50
C GLU B 132 20.95 15.60 -6.02
N PRO B 133 21.50 16.07 -4.87
CA PRO B 133 22.80 15.53 -4.46
C PRO B 133 22.83 14.01 -4.29
N VAL B 134 21.73 13.44 -3.80
CA VAL B 134 21.62 11.99 -3.64
C VAL B 134 21.81 11.26 -4.97
N LEU B 135 21.11 11.74 -5.99
CA LEU B 135 21.16 11.13 -7.32
C LEU B 135 22.41 11.52 -8.09
N LYS B 136 23.08 12.57 -7.64
CA LYS B 136 24.38 12.93 -8.22
C LYS B 136 25.41 11.89 -7.77
N THR B 137 25.39 11.59 -6.48
CA THR B 137 26.28 10.60 -5.89
C THR B 137 26.16 9.23 -6.55
N SER B 138 24.93 8.73 -6.65
CA SER B 138 24.68 7.40 -7.20
C SER B 138 24.98 7.33 -8.69
N GLY B 139 25.13 8.49 -9.32
CA GLY B 139 25.53 8.55 -10.72
C GLY B 139 24.37 8.71 -11.69
N HIS B 140 23.14 8.68 -11.18
CA HIS B 140 21.97 8.77 -12.04
C HIS B 140 21.90 10.09 -12.79
N VAL B 141 22.35 11.17 -12.15
CA VAL B 141 22.28 12.48 -12.78
C VAL B 141 23.27 12.60 -13.94
N ASP B 142 24.54 12.32 -13.68
CA ASP B 142 25.57 12.44 -14.69
C ASP B 142 25.41 11.48 -15.86
N LYS B 143 24.39 10.63 -15.81
CA LYS B 143 24.13 9.67 -16.88
C LYS B 143 22.76 9.83 -17.52
N PHE B 144 21.81 10.42 -16.80
CA PHE B 144 20.45 10.54 -17.32
C PHE B 144 19.93 11.97 -17.27
N ALA B 145 20.71 12.88 -16.69
CA ALA B 145 20.33 14.29 -16.59
C ALA B 145 21.41 15.21 -17.12
N ASP B 146 21.24 15.70 -18.35
CA ASP B 146 22.23 16.57 -18.96
C ASP B 146 21.64 17.37 -20.12
N PHE B 147 22.26 18.51 -20.41
CA PHE B 147 21.93 19.27 -21.61
C PHE B 147 22.67 18.61 -22.77
N MET B 148 22.08 18.64 -23.95
CA MET B 148 22.64 17.89 -25.07
C MET B 148 22.61 18.65 -26.39
N VAL B 149 23.80 18.91 -26.93
CA VAL B 149 23.95 19.29 -28.33
C VAL B 149 23.92 17.98 -29.12
N LYS B 150 24.38 16.94 -28.42
CA LYS B 150 24.50 15.52 -28.78
C LYS B 150 25.99 15.15 -28.88
N ASP B 151 26.76 15.28 -27.78
CA ASP B 151 26.30 15.70 -26.46
C ASP B 151 27.22 16.79 -25.88
N VAL B 152 26.67 17.66 -25.03
CA VAL B 152 27.34 18.86 -24.56
C VAL B 152 28.58 18.66 -23.67
N LYS B 153 28.56 17.64 -22.82
CA LYS B 153 29.65 17.45 -21.85
C LYS B 153 30.97 17.13 -22.54
N ASN B 154 30.91 16.57 -23.75
CA ASN B 154 32.10 16.26 -24.53
C ASN B 154 32.84 17.51 -24.98
N GLY B 155 34.04 17.70 -24.45
CA GLY B 155 34.86 18.86 -24.78
C GLY B 155 36.18 18.85 -24.05
N GLY B 196 26.61 23.91 -14.81
CA GLY B 196 25.48 24.80 -14.86
C GLY B 196 24.69 24.69 -16.15
N GLN B 197 23.77 25.63 -16.36
CA GLN B 197 22.75 25.55 -17.42
C GLN B 197 23.21 26.02 -18.80
N GLN B 198 22.48 27.00 -19.33
CA GLN B 198 22.73 27.57 -20.65
C GLN B 198 23.93 28.53 -20.57
N GLU B 199 24.57 28.59 -19.40
CA GLU B 199 25.89 29.21 -19.29
C GLU B 199 26.84 28.59 -20.31
N LEU B 200 26.62 27.31 -20.62
CA LEU B 200 27.42 26.55 -21.58
C LEU B 200 27.10 26.95 -23.02
N ALA B 201 25.84 27.34 -23.26
CA ALA B 201 25.41 27.83 -24.57
C ALA B 201 26.28 28.98 -25.06
N ASP B 202 26.63 29.88 -24.14
CA ASP B 202 27.55 30.97 -24.43
C ASP B 202 28.95 30.42 -24.67
N LEU B 203 29.39 29.51 -23.79
CA LEU B 203 30.68 28.85 -23.93
C LEU B 203 30.81 28.13 -25.28
N PHE B 204 29.75 27.44 -25.68
CA PHE B 204 29.74 26.71 -26.95
C PHE B 204 29.91 27.66 -28.12
N VAL B 205 29.32 28.85 -28.02
CA VAL B 205 29.44 29.87 -29.06
C VAL B 205 30.74 30.64 -28.93
N ASN B 206 31.20 30.82 -27.69
CA ASN B 206 32.43 31.56 -27.43
C ASN B 206 33.67 30.85 -27.98
N TYR B 207 33.66 29.52 -27.95
CA TYR B 207 34.76 28.74 -28.48
C TYR B 207 34.40 28.19 -29.86
N ASN B 208 33.19 28.52 -30.30
CA ASN B 208 32.66 28.13 -31.61
C ASN B 208 32.82 26.63 -31.88
N VAL B 209 32.35 25.83 -30.94
CA VAL B 209 32.49 24.38 -31.06
C VAL B 209 31.50 23.81 -32.05
N LYS B 210 32.00 23.45 -33.22
CA LYS B 210 31.22 22.65 -34.17
C LYS B 210 31.35 21.20 -33.74
N SER B 211 30.60 20.31 -34.38
CA SER B 211 30.69 18.89 -34.07
C SER B 211 32.04 18.33 -34.49
N PRO B 212 32.66 17.51 -33.62
CA PRO B 212 33.92 16.84 -33.96
C PRO B 212 33.77 15.96 -35.20
N ILE B 213 32.58 15.41 -35.41
CA ILE B 213 32.28 14.67 -36.61
C ILE B 213 31.35 15.48 -37.51
N THR B 214 31.68 15.50 -38.81
CA THR B 214 30.91 16.19 -39.85
C THR B 214 30.98 17.73 -39.77
N GLY B 215 31.43 18.26 -38.64
CA GLY B 215 31.63 19.68 -38.47
C GLY B 215 30.38 20.53 -38.57
N ASN B 216 29.26 19.99 -38.12
CA ASN B 216 27.99 20.72 -38.16
C ASN B 216 27.99 21.89 -37.19
N ASP B 217 27.21 22.91 -37.51
CA ASP B 217 27.12 24.09 -36.67
C ASP B 217 26.39 23.78 -35.38
N LEU B 218 25.40 22.88 -35.47
CA LEU B 218 24.68 22.40 -34.29
C LEU B 218 23.93 23.48 -33.50
N SER B 219 23.24 23.05 -32.45
CA SER B 219 22.35 23.91 -31.70
C SER B 219 22.89 24.21 -30.31
N PRO B 220 22.41 25.30 -29.68
CA PRO B 220 22.80 25.53 -28.29
C PRO B 220 22.26 24.41 -27.44
N PRO B 221 22.94 24.04 -26.35
CA PRO B 221 22.51 22.87 -25.59
C PRO B 221 21.12 23.07 -25.03
N VAL B 222 20.25 22.08 -25.25
CA VAL B 222 18.93 22.09 -24.63
C VAL B 222 18.90 20.98 -23.59
N SER B 223 18.16 21.19 -22.51
CA SER B 223 18.11 20.22 -21.43
C SER B 223 17.43 18.93 -21.88
N PHE B 224 18.04 17.80 -21.57
CA PHE B 224 17.48 16.51 -21.95
C PHE B 224 17.42 15.57 -20.75
N ASN B 225 16.28 15.59 -20.06
CA ASN B 225 16.11 14.81 -18.84
C ASN B 225 15.39 13.48 -19.06
N LEU B 226 16.08 12.39 -18.77
CA LEU B 226 15.47 11.07 -18.72
C LEU B 226 14.86 10.83 -17.35
N MET B 227 15.09 11.77 -16.44
CA MET B 227 14.46 11.73 -15.13
C MET B 227 13.43 12.83 -15.03
N PHE B 228 12.51 12.68 -14.08
CA PHE B 228 11.51 13.69 -13.82
C PHE B 228 12.06 14.68 -12.80
N LYS B 229 12.51 15.83 -13.28
CA LYS B 229 13.04 16.87 -12.42
C LYS B 229 11.91 17.76 -11.90
N THR B 230 12.12 18.34 -10.73
CA THR B 230 11.19 19.29 -10.14
C THR B 230 11.94 20.11 -9.11
N PHE B 231 11.23 20.99 -8.41
CA PHE B 231 11.86 21.85 -7.42
C PHE B 231 11.11 21.80 -6.11
N ILE B 232 11.84 21.52 -5.04
CA ILE B 232 11.24 21.42 -3.72
C ILE B 232 11.39 22.75 -2.99
N GLY B 233 10.37 23.11 -2.24
CA GLY B 233 10.37 24.40 -1.54
C GLY B 233 9.84 25.49 -2.44
N PRO B 234 9.68 26.69 -1.89
CA PRO B 234 9.13 27.83 -2.64
C PRO B 234 10.20 28.54 -3.47
N GLY B 235 11.46 28.37 -3.11
CA GLY B 235 12.54 29.11 -3.72
C GLY B 235 13.02 28.58 -5.06
N GLY B 236 13.11 27.26 -5.18
CA GLY B 236 13.72 26.65 -6.35
C GLY B 236 15.22 26.53 -6.14
N ASN B 237 15.63 26.57 -4.87
CA ASN B 237 17.03 26.37 -4.51
C ASN B 237 17.31 24.90 -4.27
N MET B 238 16.26 24.09 -4.31
CA MET B 238 16.39 22.67 -4.04
C MET B 238 15.82 21.84 -5.19
N PRO B 239 16.62 21.64 -6.25
CA PRO B 239 16.18 20.78 -7.35
C PRO B 239 16.06 19.33 -6.88
N GLY B 240 15.10 18.61 -7.44
CA GLY B 240 14.88 17.22 -7.08
C GLY B 240 14.39 16.40 -8.25
N TYR B 241 14.41 15.08 -8.08
CA TYR B 241 13.91 14.18 -9.11
C TYR B 241 13.00 13.14 -8.51
N LEU B 242 12.10 12.60 -9.33
CA LEU B 242 11.35 11.40 -8.94
C LEU B 242 12.32 10.24 -8.99
N ARG B 243 12.31 9.41 -7.95
CA ARG B 243 13.25 8.30 -7.88
C ARG B 243 13.08 7.34 -9.06
N PRO B 244 14.21 6.99 -9.70
CA PRO B 244 14.21 6.01 -10.79
C PRO B 244 14.24 4.58 -10.26
N GLU B 245 14.35 4.46 -8.93
CA GLU B 245 14.40 3.16 -8.27
C GLU B 245 14.14 3.31 -6.77
N THR B 246 13.83 2.21 -6.11
CA THR B 246 13.46 2.23 -4.70
C THR B 246 14.60 1.81 -3.77
N ALA B 247 15.80 1.67 -4.33
CA ALA B 247 16.93 1.13 -3.58
C ALA B 247 17.59 2.16 -2.69
N GLN B 248 17.68 3.39 -3.19
CA GLN B 248 18.43 4.45 -2.52
C GLN B 248 17.87 4.79 -1.14
N GLY B 249 16.57 4.61 -0.97
CA GLY B 249 15.94 4.86 0.32
C GLY B 249 16.47 3.89 1.35
N ILE B 250 16.75 2.67 0.91
CA ILE B 250 17.27 1.63 1.76
C ILE B 250 18.73 1.91 2.13
N PHE B 251 19.53 2.30 1.13
CA PHE B 251 20.94 2.59 1.38
C PHE B 251 21.10 3.78 2.33
N LEU B 252 20.28 4.80 2.17
CA LEU B 252 20.41 6.01 2.97
C LEU B 252 19.96 5.81 4.42
N ASN B 253 19.19 4.77 4.68
CA ASN B 253 18.75 4.47 6.04
C ASN B 253 19.43 3.22 6.60
N PHE B 254 20.63 2.95 6.13
CA PHE B 254 21.34 1.71 6.48
C PHE B 254 21.72 1.63 7.96
N LYS B 255 22.08 2.77 8.56
CA LYS B 255 22.53 2.76 9.95
C LYS B 255 21.43 2.31 10.90
N ARG B 256 20.24 2.86 10.72
CA ARG B 256 19.13 2.56 11.62
C ARG B 256 18.58 1.15 11.34
N LEU B 257 18.71 0.72 10.09
CA LEU B 257 18.35 -0.64 9.71
C LEU B 257 19.27 -1.64 10.40
N LEU B 258 20.57 -1.36 10.35
CA LEU B 258 21.57 -2.19 11.02
C LEU B 258 21.32 -2.20 12.52
N GLU B 259 21.14 -1.01 13.10
CA GLU B 259 20.83 -0.87 14.52
C GLU B 259 19.57 -1.64 14.91
N PHE B 260 18.61 -1.72 13.99
CA PHE B 260 17.37 -2.42 14.25
C PHE B 260 17.62 -3.92 14.30
N ASN B 261 18.64 -4.36 13.55
CA ASN B 261 19.04 -5.76 13.59
C ASN B 261 20.18 -5.95 14.58
N GLN B 262 20.24 -5.03 15.54
CA GLN B 262 21.22 -5.05 16.63
C GLN B 262 22.66 -5.21 16.10
N GLY B 263 22.93 -4.56 14.98
CA GLY B 263 24.26 -4.49 14.41
C GLY B 263 24.76 -5.76 13.75
N LYS B 264 23.93 -6.80 13.72
CA LYS B 264 24.34 -8.09 13.18
C LYS B 264 24.14 -8.20 11.67
N LEU B 265 25.19 -8.64 10.98
CA LEU B 265 25.08 -9.07 9.59
C LEU B 265 24.94 -10.58 9.55
N PRO B 266 24.21 -11.12 8.58
CA PRO B 266 23.57 -10.41 7.47
C PRO B 266 22.15 -9.97 7.81
N PHE B 267 21.64 -9.00 7.06
CA PHE B 267 20.23 -8.64 7.14
C PHE B 267 19.78 -8.10 5.79
N ALA B 268 18.50 -8.23 5.50
CA ALA B 268 17.96 -7.76 4.22
C ALA B 268 16.87 -6.72 4.47
N ALA B 269 16.82 -5.72 3.60
CA ALA B 269 15.75 -4.73 3.63
C ALA B 269 15.04 -4.73 2.29
N ALA B 270 13.78 -4.32 2.29
CA ALA B 270 13.01 -4.27 1.05
C ALA B 270 12.12 -3.04 1.00
N GLN B 271 11.67 -2.70 -0.20
CA GLN B 271 10.73 -1.60 -0.38
C GLN B 271 9.84 -1.83 -1.60
N ILE B 272 8.56 -1.47 -1.47
CA ILE B 272 7.60 -1.62 -2.57
C ILE B 272 6.93 -0.28 -2.88
N GLY B 273 7.27 0.31 -4.02
CA GLY B 273 6.66 1.57 -4.41
C GLY B 273 6.87 1.89 -5.87
N ASN B 274 6.40 3.07 -6.27
CA ASN B 274 6.54 3.48 -7.67
C ASN B 274 7.90 4.07 -7.97
N SER B 275 8.38 3.81 -9.18
CA SER B 275 9.62 4.39 -9.67
C SER B 275 9.37 5.01 -11.04
N PHE B 276 10.11 6.07 -11.34
CA PHE B 276 9.81 6.87 -12.52
C PHE B 276 10.98 6.96 -13.48
N ARG B 277 10.70 6.80 -14.76
CA ARG B 277 11.73 6.95 -15.78
C ARG B 277 11.15 7.71 -16.97
N ASN B 278 11.63 8.93 -17.19
CA ASN B 278 11.14 9.75 -18.28
C ASN B 278 11.63 9.21 -19.62
N GLU B 279 11.09 8.08 -20.04
CA GLU B 279 11.53 7.42 -21.26
C GLU B 279 11.27 8.29 -22.49
N ILE B 280 12.25 8.29 -23.40
CA ILE B 280 12.14 8.97 -24.67
C ILE B 280 10.94 8.46 -25.47
N SER B 281 10.90 7.15 -25.66
CA SER B 281 9.82 6.54 -26.43
C SER B 281 9.15 5.41 -25.68
N PRO B 282 8.18 5.74 -24.81
CA PRO B 282 7.39 4.71 -24.14
C PRO B 282 6.67 3.84 -25.17
N ARG B 283 6.76 2.53 -25.02
CA ARG B 283 6.25 1.61 -26.02
C ARG B 283 5.86 0.28 -25.40
N SER B 284 5.16 -0.56 -26.18
CA SER B 284 4.89 -1.94 -25.81
C SER B 284 4.08 -2.09 -24.53
N GLY B 285 3.07 -1.24 -24.37
CA GLY B 285 2.22 -1.28 -23.19
C GLY B 285 2.94 -1.11 -21.87
N LEU B 286 2.81 -2.11 -21.00
CA LEU B 286 3.40 -2.07 -19.66
C LEU B 286 4.90 -2.37 -19.64
N ILE B 287 5.42 -2.87 -20.75
CA ILE B 287 6.80 -3.33 -20.81
C ILE B 287 7.78 -2.16 -20.75
N ARG B 288 7.36 -1.03 -21.32
CA ARG B 288 8.15 0.19 -21.28
C ARG B 288 7.27 1.36 -20.89
N VAL B 289 7.22 1.68 -19.60
CA VAL B 289 6.42 2.79 -19.11
C VAL B 289 7.28 3.85 -18.44
N ARG B 290 6.66 4.95 -18.03
CA ARG B 290 7.36 6.04 -17.37
C ARG B 290 7.12 6.04 -15.87
N GLU B 291 6.17 5.23 -15.43
CA GLU B 291 5.88 5.04 -14.02
C GLU B 291 5.44 3.60 -13.80
N PHE B 292 6.07 2.93 -12.85
CA PHE B 292 5.79 1.53 -12.59
C PHE B 292 6.12 1.17 -11.14
N THR B 293 5.40 0.19 -10.61
CA THR B 293 5.63 -0.23 -9.24
C THR B 293 6.76 -1.24 -9.21
N MET B 294 7.68 -1.06 -8.27
CA MET B 294 8.85 -1.89 -8.18
C MET B 294 9.01 -2.46 -6.78
N ALA B 295 9.41 -3.73 -6.70
CA ALA B 295 9.74 -4.32 -5.41
C ALA B 295 11.23 -4.65 -5.40
N GLU B 296 11.94 -4.12 -4.43
CA GLU B 296 13.39 -4.26 -4.40
C GLU B 296 13.87 -4.81 -3.07
N ILE B 297 14.82 -5.73 -3.11
CA ILE B 297 15.43 -6.24 -1.90
C ILE B 297 16.94 -5.97 -1.90
N GLU B 298 17.44 -5.43 -0.79
CA GLU B 298 18.87 -5.30 -0.62
C GLU B 298 19.30 -6.25 0.48
N HIS B 299 20.04 -7.30 0.10
CA HIS B 299 20.55 -8.27 1.06
C HIS B 299 21.98 -7.91 1.44
N PHE B 300 22.16 -7.45 2.68
CA PHE B 300 23.46 -7.01 3.16
C PHE B 300 24.22 -8.14 3.83
N VAL B 301 25.40 -8.45 3.32
CA VAL B 301 26.15 -9.59 3.83
C VAL B 301 27.63 -9.24 4.05
N ASP B 302 28.24 -9.91 5.02
CA ASP B 302 29.68 -9.84 5.25
C ASP B 302 30.41 -10.44 4.04
N PRO B 303 31.27 -9.65 3.39
CA PRO B 303 32.02 -10.12 2.21
C PRO B 303 32.76 -11.43 2.49
N SER B 304 33.27 -11.57 3.71
CA SER B 304 33.87 -12.82 4.16
C SER B 304 32.88 -13.99 4.05
N GLU B 305 31.64 -13.74 4.42
CA GLU B 305 30.63 -14.80 4.48
C GLU B 305 29.50 -14.60 3.49
N LYS B 306 29.85 -14.44 2.21
CA LYS B 306 28.86 -14.25 1.16
C LYS B 306 28.15 -15.58 0.87
N ASP B 307 27.34 -16.01 1.82
CA ASP B 307 26.67 -17.30 1.75
C ASP B 307 25.22 -17.16 2.17
N HIS B 308 24.41 -18.19 1.94
CA HIS B 308 23.06 -18.20 2.45
C HIS B 308 22.71 -19.59 2.98
N PRO B 309 22.43 -19.69 4.29
CA PRO B 309 22.17 -20.95 4.97
C PRO B 309 20.99 -21.75 4.39
N LYS B 310 20.06 -21.07 3.72
CA LYS B 310 18.82 -21.72 3.28
C LYS B 310 18.84 -22.09 1.79
N PHE B 311 20.03 -22.18 1.20
CA PHE B 311 20.14 -22.49 -0.21
C PHE B 311 19.69 -23.92 -0.52
N GLN B 312 19.82 -24.80 0.48
CA GLN B 312 19.45 -26.19 0.31
C GLN B 312 17.98 -26.34 -0.05
N ASN B 313 17.18 -25.33 0.29
CA ASN B 313 15.74 -25.35 0.04
C ASN B 313 15.36 -25.12 -1.42
N VAL B 314 16.33 -24.78 -2.26
CA VAL B 314 16.05 -24.51 -3.67
C VAL B 314 17.06 -25.15 -4.61
N ALA B 315 18.04 -25.85 -4.03
CA ALA B 315 19.11 -26.47 -4.81
C ALA B 315 18.57 -27.53 -5.79
N ASP B 316 17.49 -28.19 -5.41
CA ASP B 316 16.92 -29.27 -6.23
C ASP B 316 16.12 -28.80 -7.44
N LEU B 317 15.92 -27.48 -7.56
CA LEU B 317 15.09 -26.95 -8.64
C LEU B 317 15.75 -27.07 -10.02
N HIS B 318 15.00 -27.58 -10.98
CA HIS B 318 15.45 -27.64 -12.36
C HIS B 318 14.93 -26.43 -13.14
N LEU B 319 15.83 -25.53 -13.52
CA LEU B 319 15.43 -24.32 -14.21
C LEU B 319 16.42 -23.94 -15.32
N TYR B 320 15.93 -23.16 -16.29
CA TYR B 320 16.74 -22.78 -17.44
C TYR B 320 17.74 -21.68 -17.10
N LEU B 321 19.01 -21.94 -17.40
CA LEU B 321 20.06 -20.98 -17.15
C LEU B 321 20.77 -20.61 -18.45
N TYR B 322 21.14 -19.34 -18.58
CA TYR B 322 21.75 -18.85 -19.81
C TYR B 322 23.00 -18.04 -19.49
N SER B 323 24.07 -18.75 -19.14
CA SER B 323 25.31 -18.13 -18.67
C SER B 323 25.98 -17.28 -19.73
N ALA B 324 26.90 -16.42 -19.30
CA ALA B 324 27.59 -15.52 -20.21
C ALA B 324 28.52 -16.30 -21.14
N LYS B 325 29.17 -17.32 -20.59
CA LYS B 325 30.09 -18.15 -21.36
C LYS B 325 29.36 -19.03 -22.37
N ALA B 326 28.05 -19.16 -22.20
CA ALA B 326 27.22 -19.89 -23.14
C ALA B 326 26.59 -18.95 -24.16
N GLN B 327 26.57 -17.67 -23.84
CA GLN B 327 26.01 -16.67 -24.75
C GLN B 327 27.03 -16.29 -25.81
N VAL B 328 28.30 -16.30 -25.43
CA VAL B 328 29.37 -16.00 -26.37
C VAL B 328 29.59 -17.17 -27.32
N SER B 329 29.23 -18.36 -26.87
CA SER B 329 29.36 -19.57 -27.67
C SER B 329 28.32 -19.61 -28.78
N GLY B 330 27.11 -19.16 -28.46
CA GLY B 330 26.01 -19.17 -29.41
C GLY B 330 24.97 -20.22 -29.04
N GLN B 331 25.38 -21.18 -28.21
CA GLN B 331 24.48 -22.24 -27.78
C GLN B 331 23.33 -21.70 -26.94
N SER B 332 22.23 -22.44 -26.90
CA SER B 332 21.03 -21.98 -26.21
C SER B 332 21.07 -22.25 -24.71
N ALA B 333 20.03 -21.83 -24.00
CA ALA B 333 19.95 -22.03 -22.55
C ALA B 333 19.73 -23.49 -22.21
N ARG B 334 20.24 -23.91 -21.06
CA ARG B 334 20.12 -25.29 -20.63
C ARG B 334 19.37 -25.43 -19.31
N LYS B 335 18.45 -26.38 -19.25
CA LYS B 335 17.76 -26.72 -18.03
C LYS B 335 18.74 -27.44 -17.09
N MET B 336 18.98 -26.85 -15.93
CA MET B 336 19.95 -27.40 -14.98
C MET B 336 19.39 -27.49 -13.57
N ARG B 337 20.05 -28.28 -12.74
CA ARG B 337 19.72 -28.29 -11.32
C ARG B 337 20.33 -27.05 -10.70
N LEU B 338 19.54 -26.29 -9.96
CA LEU B 338 20.01 -25.02 -9.39
C LEU B 338 21.21 -25.25 -8.50
N GLY B 339 21.14 -26.30 -7.69
CA GLY B 339 22.27 -26.74 -6.89
C GLY B 339 23.43 -27.04 -7.84
N ASP B 340 23.16 -27.75 -8.94
CA ASP B 340 24.23 -28.09 -9.87
C ASP B 340 24.74 -26.98 -10.79
N ALA B 341 24.28 -25.75 -10.62
CA ALA B 341 24.91 -24.63 -11.31
C ALA B 341 25.96 -24.05 -10.38
N VAL B 342 25.81 -24.34 -9.09
CA VAL B 342 26.64 -23.71 -8.08
C VAL B 342 28.00 -24.40 -7.84
N GLU B 343 28.10 -25.74 -7.81
CA GLU B 343 29.43 -26.35 -7.65
C GLU B 343 30.25 -26.21 -8.95
N GLN B 344 29.55 -26.00 -10.06
CA GLN B 344 30.24 -25.89 -11.34
C GLN B 344 30.65 -24.45 -11.57
N GLY B 345 30.35 -23.59 -10.60
CA GLY B 345 30.76 -22.20 -10.67
C GLY B 345 30.03 -21.41 -11.72
N VAL B 346 28.96 -21.99 -12.26
CA VAL B 346 28.11 -21.26 -13.20
C VAL B 346 27.46 -20.11 -12.44
N ILE B 347 26.98 -20.42 -11.24
CA ILE B 347 26.47 -19.39 -10.35
C ILE B 347 27.46 -19.17 -9.21
N ASN B 348 27.87 -17.92 -9.06
CA ASN B 348 29.01 -17.55 -8.22
C ASN B 348 28.92 -17.97 -6.75
N ASN B 349 27.74 -17.84 -6.15
CA ASN B 349 27.60 -18.13 -4.72
C ASN B 349 26.20 -18.58 -4.33
N THR B 350 26.06 -19.05 -3.09
CA THR B 350 24.77 -19.55 -2.60
C THR B 350 23.75 -18.44 -2.39
N VAL B 351 24.20 -17.20 -2.21
CA VAL B 351 23.27 -16.09 -2.05
C VAL B 351 22.55 -15.83 -3.36
N LEU B 352 23.32 -15.69 -4.43
CA LEU B 352 22.76 -15.54 -5.77
C LEU B 352 21.87 -16.73 -6.09
N GLY B 353 22.35 -17.92 -5.69
CA GLY B 353 21.62 -19.15 -5.93
C GLY B 353 20.28 -19.17 -5.21
N TYR B 354 20.27 -18.78 -3.94
CA TYR B 354 19.06 -18.80 -3.16
C TYR B 354 17.99 -17.89 -3.72
N PHE B 355 18.38 -16.67 -4.08
CA PHE B 355 17.40 -15.71 -4.59
C PHE B 355 16.92 -16.09 -5.98
N ILE B 356 17.79 -16.67 -6.79
CA ILE B 356 17.38 -17.18 -8.11
C ILE B 356 16.30 -18.24 -7.96
N GLY B 357 16.50 -19.14 -7.00
CA GLY B 357 15.53 -20.18 -6.71
C GLY B 357 14.23 -19.59 -6.22
N ARG B 358 14.32 -18.70 -5.24
CA ARG B 358 13.12 -18.09 -4.68
C ARG B 358 12.36 -17.25 -5.71
N ILE B 359 13.10 -16.57 -6.58
CA ILE B 359 12.47 -15.79 -7.66
C ILE B 359 11.73 -16.72 -8.61
N TYR B 360 12.31 -17.89 -8.88
CA TYR B 360 11.66 -18.86 -9.74
C TYR B 360 10.34 -19.34 -9.12
N LEU B 361 10.40 -19.74 -7.85
CA LEU B 361 9.22 -20.24 -7.14
C LEU B 361 8.11 -19.19 -7.08
N TYR B 362 8.49 -17.93 -6.95
CA TYR B 362 7.51 -16.86 -6.89
C TYR B 362 6.85 -16.60 -8.24
N LEU B 363 7.67 -16.44 -9.27
CA LEU B 363 7.16 -16.15 -10.61
C LEU B 363 6.30 -17.30 -11.09
N THR B 364 6.64 -18.51 -10.67
CA THR B 364 5.85 -19.70 -10.96
C THR B 364 4.50 -19.62 -10.23
N LYS B 365 4.57 -19.30 -8.95
CA LYS B 365 3.38 -19.24 -8.09
C LYS B 365 2.33 -18.25 -8.59
N VAL B 366 2.77 -17.12 -9.15
CA VAL B 366 1.84 -16.11 -9.65
C VAL B 366 1.33 -16.40 -11.05
N GLY B 367 1.90 -17.42 -11.69
CA GLY B 367 1.32 -17.92 -12.93
C GLY B 367 2.16 -17.81 -14.19
N ILE B 368 3.45 -17.54 -14.04
CA ILE B 368 4.34 -17.52 -15.20
C ILE B 368 4.77 -18.95 -15.51
N SER B 369 4.67 -19.33 -16.77
CA SER B 369 4.90 -20.72 -17.17
C SER B 369 6.38 -21.06 -17.17
N PRO B 370 6.75 -22.15 -16.47
CA PRO B 370 8.15 -22.57 -16.26
C PRO B 370 8.92 -22.78 -17.57
N ASP B 371 8.22 -23.14 -18.63
CA ASP B 371 8.86 -23.36 -19.92
C ASP B 371 9.19 -22.07 -20.66
N LYS B 372 8.46 -20.99 -20.34
CA LYS B 372 8.72 -19.70 -20.95
C LYS B 372 9.47 -18.78 -19.98
N LEU B 373 10.21 -19.38 -19.06
CA LEU B 373 11.00 -18.61 -18.10
C LEU B 373 12.46 -19.07 -18.08
N ARG B 374 13.38 -18.11 -18.10
CA ARG B 374 14.81 -18.41 -18.03
C ARG B 374 15.57 -17.35 -17.25
N PHE B 375 16.77 -17.71 -16.80
CA PHE B 375 17.65 -16.76 -16.12
C PHE B 375 18.91 -16.51 -16.95
N ARG B 376 19.10 -15.26 -17.36
CA ARG B 376 20.23 -14.89 -18.21
C ARG B 376 21.31 -14.12 -17.44
N GLN B 377 22.54 -14.63 -17.51
CA GLN B 377 23.69 -13.99 -16.87
C GLN B 377 24.19 -12.81 -17.68
N HIS B 378 24.33 -11.65 -17.04
CA HIS B 378 24.86 -10.46 -17.71
C HIS B 378 26.31 -10.69 -18.10
N MET B 379 26.65 -10.31 -19.33
CA MET B 379 28.01 -10.50 -19.84
C MET B 379 28.92 -9.38 -19.37
N GLU B 380 30.24 -9.61 -19.48
CA GLU B 380 31.23 -8.63 -19.05
C GLU B 380 31.09 -7.32 -19.80
N ASN B 381 30.52 -7.39 -21.01
CA ASN B 381 30.27 -6.20 -21.83
C ASN B 381 29.26 -5.26 -21.17
N GLU B 382 28.24 -5.84 -20.56
CA GLU B 382 27.20 -5.09 -19.88
C GLU B 382 27.34 -5.14 -18.36
N MET B 383 28.54 -5.52 -17.90
CA MET B 383 28.87 -5.60 -16.48
C MET B 383 27.93 -6.54 -15.72
N TYR B 386 30.11 -1.75 -13.11
CA TYR B 386 31.00 -2.72 -12.47
C TYR B 386 30.21 -3.94 -12.00
N ALA B 387 30.11 -4.08 -10.68
CA ALA B 387 29.36 -5.15 -10.02
C ALA B 387 30.00 -6.53 -10.22
N CYS B 388 29.86 -7.40 -9.22
CA CYS B 388 30.47 -8.72 -9.27
C CYS B 388 29.80 -9.65 -10.27
N ASP B 389 28.46 -9.69 -10.24
CA ASP B 389 27.71 -10.61 -11.08
C ASP B 389 26.24 -10.21 -11.17
N CYS B 390 25.59 -10.61 -12.27
CA CYS B 390 24.19 -10.27 -12.47
C CYS B 390 23.44 -11.34 -13.26
N TRP B 391 22.29 -11.75 -12.73
CA TRP B 391 21.43 -12.71 -13.41
C TRP B 391 20.01 -12.17 -13.49
N ASP B 392 19.54 -11.90 -14.70
CA ASP B 392 18.19 -11.42 -14.91
C ASP B 392 17.22 -12.58 -15.07
N ALA B 393 16.02 -12.43 -14.52
CA ALA B 393 14.95 -13.36 -14.81
C ALA B 393 14.17 -12.85 -16.02
N GLU B 394 14.23 -13.60 -17.11
CA GLU B 394 13.57 -13.19 -18.35
C GLU B 394 12.42 -14.13 -18.69
N SER B 395 11.37 -13.58 -19.27
CA SER B 395 10.21 -14.38 -19.64
C SER B 395 9.93 -14.25 -21.13
N LYS B 396 9.45 -15.34 -21.73
CA LYS B 396 9.16 -15.35 -23.15
C LYS B 396 7.75 -14.80 -23.41
N THR B 397 7.69 -13.69 -24.15
CA THR B 397 6.41 -13.07 -24.50
C THR B 397 6.31 -12.84 -26.00
N SER B 398 5.16 -12.31 -26.43
CA SER B 398 4.95 -11.96 -27.83
C SER B 398 5.85 -10.80 -28.25
N TYR B 399 6.50 -10.17 -27.27
CA TYR B 399 7.46 -9.10 -27.53
C TYR B 399 8.87 -9.67 -27.50
N GLY B 400 8.98 -10.95 -27.15
CA GLY B 400 10.26 -11.61 -27.04
C GLY B 400 10.65 -11.87 -25.60
N TRP B 401 11.92 -12.22 -25.39
CA TRP B 401 12.44 -12.40 -24.04
C TRP B 401 12.66 -11.07 -23.35
N ILE B 402 11.87 -10.79 -22.31
CA ILE B 402 11.98 -9.54 -21.58
C ILE B 402 12.42 -9.77 -20.13
N GLU B 403 13.22 -8.82 -19.63
CA GLU B 403 13.68 -8.85 -18.24
C GLU B 403 12.58 -8.39 -17.28
N ILE B 404 12.19 -9.26 -16.35
CA ILE B 404 11.12 -8.92 -15.41
C ILE B 404 11.63 -8.85 -13.98
N VAL B 405 12.69 -9.60 -13.68
CA VAL B 405 13.36 -9.53 -12.39
C VAL B 405 14.86 -9.49 -12.62
N GLY B 406 15.53 -8.52 -12.01
CA GLY B 406 16.98 -8.42 -12.14
C GLY B 406 17.70 -8.67 -10.84
N CYS B 407 18.39 -9.80 -10.74
CA CYS B 407 19.16 -10.13 -9.54
C CYS B 407 20.62 -9.72 -9.72
N ALA B 408 21.07 -8.73 -8.93
CA ALA B 408 22.41 -8.15 -9.10
C ALA B 408 23.30 -8.36 -7.88
N ASP B 409 24.61 -8.26 -8.09
CA ASP B 409 25.59 -8.27 -7.00
C ASP B 409 26.42 -6.98 -7.06
N ARG B 410 26.23 -6.10 -6.10
CA ARG B 410 26.88 -4.79 -6.09
C ARG B 410 27.88 -4.68 -4.94
N SER B 411 29.00 -5.42 -4.99
CA SER B 411 29.92 -5.58 -3.85
C SER B 411 29.84 -4.43 -2.86
N CYS B 412 30.56 -3.35 -3.13
CA CYS B 412 30.36 -2.11 -2.39
C CYS B 412 30.43 -0.96 -3.38
N TYR B 413 29.66 0.08 -3.09
CA TYR B 413 29.59 1.29 -3.90
C TYR B 413 28.51 2.13 -3.30
N ASP B 414 27.28 1.62 -3.43
CA ASP B 414 26.09 2.17 -2.79
C ASP B 414 26.37 2.71 -1.38
N LEU B 415 26.79 1.84 -0.48
CA LEU B 415 27.10 2.26 0.88
C LEU B 415 28.39 3.08 0.94
N SER B 416 29.39 2.68 0.16
CA SER B 416 30.67 3.39 0.15
C SER B 416 30.59 4.76 -0.52
N CYS B 417 29.83 4.89 -1.60
CA CYS B 417 29.74 6.17 -2.30
C CYS B 417 29.02 7.17 -1.43
N HIS B 418 27.88 6.75 -0.88
CA HIS B 418 27.11 7.63 -0.02
C HIS B 418 27.90 8.01 1.22
N ALA B 419 28.63 7.04 1.77
CA ALA B 419 29.49 7.29 2.91
C ALA B 419 30.53 8.35 2.60
N ARG B 420 31.21 8.20 1.46
CA ARG B 420 32.23 9.15 1.05
C ARG B 420 31.62 10.51 0.70
N ALA B 421 30.42 10.49 0.14
CA ALA B 421 29.76 11.73 -0.28
C ALA B 421 29.39 12.57 0.94
N THR B 422 28.74 11.95 1.91
CA THR B 422 28.23 12.65 3.09
C THR B 422 29.22 12.67 4.24
N LYS B 423 30.34 11.97 4.06
CA LYS B 423 31.35 11.83 5.12
C LYS B 423 30.74 11.15 6.34
N VAL B 424 29.74 10.31 6.10
CA VAL B 424 29.11 9.53 7.15
C VAL B 424 29.35 8.04 6.94
N PRO B 425 30.18 7.43 7.79
CA PRO B 425 30.50 6.00 7.69
C PRO B 425 29.25 5.11 7.72
N LEU B 426 29.15 4.21 6.75
CA LEU B 426 28.05 3.26 6.70
C LEU B 426 28.56 1.84 6.82
N VAL B 427 28.95 1.42 8.03
CA VAL B 427 29.58 0.12 8.19
C VAL B 427 29.02 -0.70 9.33
N ALA B 428 29.25 -2.01 9.25
CA ALA B 428 29.04 -2.89 10.39
C ALA B 428 30.39 -3.15 11.01
N GLU B 429 30.41 -3.47 12.31
CA GLU B 429 31.64 -3.90 12.97
C GLU B 429 31.43 -5.30 13.53
N LYS B 430 32.48 -6.10 13.54
CA LYS B 430 32.44 -7.36 14.27
C LYS B 430 33.71 -7.48 15.10
N PRO B 431 33.63 -8.14 16.25
CA PRO B 431 34.76 -8.29 17.16
C PRO B 431 35.82 -9.24 16.62
N LEU B 432 37.07 -9.03 17.05
CA LEU B 432 38.19 -9.88 16.65
C LEU B 432 38.34 -11.02 17.65
N LYS B 433 39.01 -12.09 17.25
CA LYS B 433 39.26 -13.22 18.13
C LYS B 433 40.14 -12.79 19.29
N GLU B 434 41.02 -11.83 19.02
CA GLU B 434 41.93 -11.28 20.01
C GLU B 434 42.44 -9.93 19.53
N PRO B 435 42.62 -8.99 20.46
CA PRO B 435 43.12 -7.65 20.14
C PRO B 435 44.44 -7.67 19.36
N LYS B 436 44.45 -6.98 18.22
CA LYS B 436 45.65 -6.88 17.38
C LYS B 436 46.28 -5.50 17.49
N THR B 437 47.44 -5.33 16.87
CA THR B 437 48.14 -4.04 16.89
C THR B 437 48.82 -3.76 15.54
N LYS B 505 54.48 5.11 13.51
CA LYS B 505 54.22 5.28 12.09
C LYS B 505 52.72 5.40 11.84
N ARG B 506 52.18 4.49 11.03
CA ARG B 506 50.73 4.36 10.89
C ARG B 506 50.20 3.29 11.86
N PHE B 507 51.10 2.38 12.26
CA PHE B 507 50.78 1.36 13.27
C PHE B 507 51.27 1.74 14.69
N GLN B 508 50.34 1.97 15.61
CA GLN B 508 50.67 2.13 17.04
C GLN B 508 49.46 1.82 17.95
N LYS B 509 48.32 1.57 17.33
CA LYS B 509 47.07 1.51 18.07
C LYS B 509 46.57 0.10 18.30
N THR B 510 45.64 -0.03 19.23
CA THR B 510 45.04 -1.30 19.60
C THR B 510 43.65 -1.45 18.97
N LEU B 511 43.42 -2.57 18.29
CA LEU B 511 42.14 -2.82 17.66
C LEU B 511 41.39 -3.94 18.38
N TYR B 512 40.08 -3.76 18.56
CA TYR B 512 39.26 -4.76 19.22
C TYR B 512 38.18 -5.29 18.27
N VAL B 513 37.76 -4.44 17.34
CA VAL B 513 36.80 -4.82 16.31
C VAL B 513 37.33 -4.44 14.94
N GLU B 514 36.86 -5.11 13.91
CA GLU B 514 37.19 -4.73 12.53
C GLU B 514 35.93 -4.27 11.80
N GLU B 515 36.10 -3.29 10.92
CA GLU B 515 34.97 -2.74 10.20
C GLU B 515 34.62 -3.59 8.98
N VAL B 516 33.32 -3.79 8.78
CA VAL B 516 32.84 -4.55 7.64
C VAL B 516 31.98 -3.67 6.75
N VAL B 517 32.39 -3.49 5.50
CA VAL B 517 31.58 -2.77 4.53
C VAL B 517 30.75 -3.78 3.75
N PRO B 518 29.43 -3.84 4.05
CA PRO B 518 28.52 -4.89 3.57
C PRO B 518 28.48 -5.04 2.05
N ASN B 519 28.52 -6.28 1.58
CA ASN B 519 28.31 -6.57 0.18
C ASN B 519 26.81 -6.68 -0.04
N VAL B 520 26.32 -6.17 -1.16
CA VAL B 520 24.88 -6.11 -1.39
C VAL B 520 24.42 -6.94 -2.59
N ILE B 521 23.50 -7.86 -2.33
CA ILE B 521 22.83 -8.61 -3.38
C ILE B 521 21.44 -8.02 -3.57
N GLU B 522 21.07 -7.72 -4.82
CA GLU B 522 19.85 -6.97 -5.08
C GLU B 522 18.90 -7.61 -6.10
N PRO B 523 17.89 -8.36 -5.61
CA PRO B 523 16.77 -8.77 -6.46
C PRO B 523 15.84 -7.59 -6.72
N SER B 524 15.56 -7.30 -7.99
CA SER B 524 14.74 -6.16 -8.36
C SER B 524 13.53 -6.60 -9.19
N PHE B 525 12.33 -6.42 -8.63
CA PHE B 525 11.11 -6.93 -9.26
C PHE B 525 10.30 -5.83 -9.94
N GLY B 526 10.07 -5.97 -11.24
CA GLY B 526 9.21 -5.05 -11.96
C GLY B 526 7.79 -5.60 -12.05
N LEU B 527 6.90 -5.10 -11.20
CA LEU B 527 5.58 -5.70 -11.05
C LEU B 527 4.72 -5.62 -12.30
N GLY B 528 4.81 -4.50 -13.02
CA GLY B 528 4.04 -4.31 -14.23
C GLY B 528 4.35 -5.33 -15.30
N ARG B 529 5.64 -5.57 -15.52
CA ARG B 529 6.09 -6.58 -16.46
C ARG B 529 5.69 -7.98 -15.99
N ILE B 530 5.93 -8.27 -14.71
CA ILE B 530 5.53 -9.54 -14.13
C ILE B 530 4.07 -9.82 -14.39
N MET B 531 3.23 -8.81 -14.14
CA MET B 531 1.80 -8.92 -14.38
C MET B 531 1.47 -9.14 -15.86
N TYR B 532 2.14 -8.40 -16.74
CA TYR B 532 1.88 -8.55 -18.17
C TYR B 532 2.29 -9.93 -18.65
N THR B 533 3.35 -10.46 -18.06
CA THR B 533 3.79 -11.81 -18.39
C THR B 533 2.70 -12.81 -18.02
N VAL B 534 2.10 -12.61 -16.85
CA VAL B 534 1.02 -13.49 -16.39
C VAL B 534 -0.17 -13.41 -17.36
N PHE B 535 -0.48 -12.22 -17.84
CA PHE B 535 -1.52 -12.04 -18.85
C PHE B 535 -1.28 -12.94 -20.06
N GLU B 536 -0.09 -12.82 -20.65
CA GLU B 536 0.25 -13.59 -21.84
C GLU B 536 0.38 -15.08 -21.57
N HIS B 537 0.75 -15.43 -20.34
CA HIS B 537 0.97 -16.83 -20.02
C HIS B 537 -0.29 -17.52 -19.49
N THR B 538 -1.35 -16.76 -19.26
CA THR B 538 -2.60 -17.37 -18.78
C THR B 538 -3.81 -17.08 -19.67
N PHE B 539 -3.61 -16.35 -20.76
CA PHE B 539 -4.71 -16.03 -21.65
C PHE B 539 -5.09 -17.23 -22.51
N HIS B 540 -6.38 -17.53 -22.59
CA HIS B 540 -6.87 -18.67 -23.36
C HIS B 540 -8.23 -18.40 -23.98
N VAL B 541 -8.56 -19.16 -25.02
CA VAL B 541 -9.86 -19.06 -25.66
C VAL B 541 -10.57 -20.42 -25.60
N ARG B 542 -11.86 -20.41 -25.28
CA ARG B 542 -12.67 -21.62 -25.25
C ARG B 542 -12.68 -22.32 -26.61
N GLU B 543 -12.70 -23.65 -26.60
CA GLU B 543 -12.55 -24.44 -27.81
C GLU B 543 -13.75 -24.35 -28.78
N GLY B 544 -14.84 -23.75 -28.34
CA GLY B 544 -16.01 -23.63 -29.17
C GLY B 544 -16.31 -22.22 -29.65
N ASP B 545 -16.34 -21.28 -28.71
CA ASP B 545 -16.66 -19.90 -29.00
C ASP B 545 -15.40 -19.03 -29.02
N GLU B 546 -15.20 -18.32 -30.11
CA GLU B 546 -14.02 -17.47 -30.26
C GLU B 546 -14.19 -16.12 -29.56
N GLN B 547 -15.36 -15.92 -28.97
CA GLN B 547 -15.63 -14.71 -28.19
C GLN B 547 -15.35 -14.95 -26.71
N ARG B 548 -15.32 -16.22 -26.32
CA ARG B 548 -15.10 -16.59 -24.93
C ARG B 548 -13.63 -16.68 -24.62
N THR B 549 -13.09 -15.64 -24.02
CA THR B 549 -11.70 -15.59 -23.62
C THR B 549 -11.62 -15.62 -22.10
N PHE B 550 -10.52 -16.15 -21.57
CA PHE B 550 -10.36 -16.20 -20.12
C PHE B 550 -8.89 -16.27 -19.71
N PHE B 551 -8.62 -15.90 -18.46
CA PHE B 551 -7.28 -16.00 -17.89
C PHE B 551 -7.21 -17.08 -16.83
N SER B 552 -6.26 -17.99 -16.98
CA SER B 552 -6.06 -19.07 -16.02
C SER B 552 -5.20 -18.61 -14.83
N PHE B 553 -5.60 -17.50 -14.20
CA PHE B 553 -4.92 -17.00 -13.02
C PHE B 553 -4.93 -18.04 -11.92
N PRO B 554 -3.76 -18.32 -11.33
CA PRO B 554 -3.68 -19.17 -10.15
C PRO B 554 -4.56 -18.63 -9.03
N ALA B 555 -5.23 -19.50 -8.28
CA ALA B 555 -6.24 -19.09 -7.32
C ALA B 555 -5.72 -18.07 -6.32
N VAL B 556 -4.46 -18.25 -5.89
CA VAL B 556 -3.86 -17.41 -4.86
C VAL B 556 -3.59 -15.98 -5.32
N VAL B 557 -3.81 -15.70 -6.60
CA VAL B 557 -3.52 -14.39 -7.14
C VAL B 557 -4.70 -13.85 -7.95
N ALA B 558 -5.65 -14.73 -8.25
CA ALA B 558 -6.84 -14.34 -9.01
C ALA B 558 -7.62 -13.22 -8.33
N PRO B 559 -7.92 -12.14 -9.08
CA PRO B 559 -8.55 -10.92 -8.56
C PRO B 559 -9.89 -11.20 -7.87
N PHE B 560 -10.66 -12.12 -8.43
CA PHE B 560 -11.90 -12.57 -7.79
C PHE B 560 -11.84 -14.06 -7.56
N LYS B 561 -11.79 -14.44 -6.29
CA LYS B 561 -11.73 -15.86 -5.95
C LYS B 561 -13.00 -16.58 -6.36
N CYS B 562 -14.12 -15.87 -6.30
CA CYS B 562 -15.42 -16.52 -6.50
C CYS B 562 -16.45 -15.61 -7.17
N SER B 563 -17.46 -16.22 -7.78
CA SER B 563 -18.60 -15.47 -8.30
C SER B 563 -19.92 -16.11 -7.84
N VAL B 564 -20.92 -15.27 -7.58
CA VAL B 564 -22.24 -15.76 -7.19
C VAL B 564 -23.21 -15.60 -8.35
N LEU B 565 -23.77 -16.71 -8.81
CA LEU B 565 -24.60 -16.70 -10.02
C LEU B 565 -25.91 -17.43 -9.85
N PRO B 566 -27.02 -16.68 -9.84
CA PRO B 566 -28.32 -17.34 -9.92
C PRO B 566 -28.53 -17.85 -11.34
N LEU B 567 -29.08 -19.05 -11.50
CA LEU B 567 -29.25 -19.65 -12.82
C LEU B 567 -30.10 -18.77 -13.72
N SER B 568 -31.02 -18.03 -13.10
CA SER B 568 -31.88 -17.09 -13.82
C SER B 568 -32.25 -15.93 -12.90
N GLN B 569 -33.10 -15.03 -13.40
CA GLN B 569 -33.46 -13.84 -12.64
C GLN B 569 -34.69 -14.07 -11.77
N ASN B 570 -35.05 -15.32 -11.56
CA ASN B 570 -36.22 -15.66 -10.77
C ASN B 570 -36.03 -15.28 -9.30
N GLN B 571 -37.10 -14.79 -8.67
CA GLN B 571 -37.04 -14.27 -7.30
C GLN B 571 -36.73 -15.37 -6.28
N GLU B 572 -36.95 -16.62 -6.65
CA GLU B 572 -36.69 -17.77 -5.79
C GLU B 572 -35.20 -17.88 -5.42
N PHE B 573 -34.34 -17.45 -6.35
CA PHE B 573 -32.89 -17.56 -6.19
C PHE B 573 -32.29 -16.42 -5.39
N MET B 574 -32.90 -15.24 -5.49
CA MET B 574 -32.37 -14.01 -4.92
C MET B 574 -31.95 -14.11 -3.45
N PRO B 575 -32.82 -14.66 -2.57
CA PRO B 575 -32.40 -14.66 -1.16
C PRO B 575 -31.16 -15.52 -0.89
N PHE B 576 -30.92 -16.54 -1.72
CA PHE B 576 -29.74 -17.38 -1.55
C PHE B 576 -28.48 -16.65 -1.99
N VAL B 577 -28.61 -15.87 -3.05
CA VAL B 577 -27.52 -15.03 -3.55
C VAL B 577 -27.09 -14.03 -2.48
N LYS B 578 -28.06 -13.35 -1.89
CA LYS B 578 -27.81 -12.33 -0.87
C LYS B 578 -27.08 -12.90 0.35
N GLU B 579 -27.48 -14.10 0.76
CA GLU B 579 -26.93 -14.73 1.97
C GLU B 579 -25.51 -15.23 1.75
N LEU B 580 -25.28 -15.84 0.59
CA LEU B 580 -23.98 -16.41 0.28
C LEU B 580 -22.93 -15.33 0.08
N SER B 581 -23.34 -14.21 -0.53
CA SER B 581 -22.43 -13.09 -0.73
C SER B 581 -21.94 -12.55 0.60
N GLU B 582 -22.87 -12.30 1.52
CA GLU B 582 -22.53 -11.80 2.84
C GLU B 582 -21.64 -12.78 3.60
N ALA B 583 -21.89 -14.07 3.39
CA ALA B 583 -21.07 -15.10 4.00
C ALA B 583 -19.65 -15.01 3.49
N LEU B 584 -19.50 -14.87 2.18
CA LEU B 584 -18.18 -14.74 1.56
C LEU B 584 -17.43 -13.53 2.09
N THR B 585 -18.12 -12.39 2.15
CA THR B 585 -17.53 -11.16 2.64
C THR B 585 -17.00 -11.32 4.06
N ARG B 586 -17.74 -12.03 4.90
CA ARG B 586 -17.34 -12.20 6.29
C ARG B 586 -16.17 -13.16 6.41
N HIS B 587 -16.03 -14.06 5.44
CA HIS B 587 -14.86 -14.93 5.36
C HIS B 587 -13.69 -14.23 4.67
N GLY B 588 -13.95 -13.04 4.13
CA GLY B 588 -12.92 -12.23 3.50
C GLY B 588 -12.68 -12.57 2.03
N VAL B 589 -13.28 -13.66 1.58
CA VAL B 589 -13.13 -14.09 0.19
C VAL B 589 -13.66 -13.04 -0.77
N SER B 590 -12.77 -12.45 -1.56
CA SER B 590 -13.17 -11.45 -2.54
C SER B 590 -14.01 -12.09 -3.64
N HIS B 591 -15.23 -11.60 -3.81
CA HIS B 591 -16.17 -12.20 -4.75
C HIS B 591 -16.89 -11.15 -5.58
N LYS B 592 -17.49 -11.61 -6.66
CA LYS B 592 -18.31 -10.74 -7.50
C LYS B 592 -19.67 -11.38 -7.72
N VAL B 593 -20.73 -10.59 -7.59
CA VAL B 593 -22.08 -11.11 -7.77
C VAL B 593 -22.71 -10.66 -9.08
N ASP B 594 -22.97 -11.60 -9.97
CA ASP B 594 -23.56 -11.28 -11.28
C ASP B 594 -24.98 -11.82 -11.39
N ASP B 595 -25.94 -11.03 -10.90
CA ASP B 595 -27.34 -11.40 -10.96
C ASP B 595 -28.07 -10.57 -12.00
N SER B 596 -27.35 -10.18 -13.04
CA SER B 596 -27.90 -9.31 -14.08
C SER B 596 -28.78 -10.08 -15.07
N SER B 597 -28.98 -9.47 -16.23
CA SER B 597 -30.02 -9.90 -17.17
C SER B 597 -29.69 -11.16 -17.96
N GLY B 598 -28.42 -11.37 -18.26
CA GLY B 598 -28.04 -12.39 -19.22
C GLY B 598 -28.29 -13.83 -18.81
N SER B 599 -28.04 -14.74 -19.74
CA SER B 599 -28.15 -16.17 -19.46
C SER B 599 -27.05 -16.61 -18.51
N ILE B 600 -26.98 -17.92 -18.28
CA ILE B 600 -25.95 -18.45 -17.39
C ILE B 600 -24.61 -18.49 -18.13
N GLY B 601 -24.63 -18.90 -19.40
CA GLY B 601 -23.41 -18.99 -20.19
C GLY B 601 -22.77 -17.64 -20.43
N ARG B 602 -23.60 -16.62 -20.61
CA ARG B 602 -23.12 -15.26 -20.72
C ARG B 602 -22.33 -14.86 -19.49
N ARG B 603 -22.94 -15.03 -18.32
CA ARG B 603 -22.32 -14.62 -17.07
C ARG B 603 -21.11 -15.50 -16.72
N TYR B 604 -21.10 -16.72 -17.23
CA TYR B 604 -19.92 -17.57 -17.14
C TYR B 604 -18.79 -16.95 -17.95
N ALA B 605 -19.10 -16.55 -19.19
CA ALA B 605 -18.12 -15.96 -20.07
C ALA B 605 -17.63 -14.65 -19.47
N ARG B 606 -18.57 -13.83 -19.05
CA ARG B 606 -18.30 -12.55 -18.40
C ARG B 606 -17.32 -12.66 -17.23
N THR B 607 -17.45 -13.70 -16.43
CA THR B 607 -16.62 -13.86 -15.24
C THR B 607 -15.31 -14.60 -15.52
N ASP B 608 -15.35 -15.55 -16.46
CA ASP B 608 -14.15 -16.22 -16.91
C ASP B 608 -13.21 -15.21 -17.55
N GLU B 609 -13.81 -14.28 -18.28
CA GLU B 609 -13.09 -13.22 -18.98
C GLU B 609 -12.08 -12.49 -18.10
N ILE B 610 -12.50 -12.15 -16.88
CA ILE B 610 -11.64 -11.45 -15.94
C ILE B 610 -10.93 -12.42 -15.00
N GLY B 611 -11.05 -13.71 -15.28
CA GLY B 611 -10.30 -14.73 -14.56
C GLY B 611 -10.81 -15.07 -13.17
N VAL B 612 -12.11 -14.94 -12.94
CA VAL B 612 -12.71 -15.39 -11.68
C VAL B 612 -12.40 -16.86 -11.49
N ALA B 613 -11.73 -17.17 -10.38
CA ALA B 613 -11.21 -18.51 -10.12
C ALA B 613 -12.29 -19.59 -10.08
N PHE B 614 -13.37 -19.34 -9.34
CA PHE B 614 -14.43 -20.33 -9.19
C PHE B 614 -15.82 -19.70 -9.23
N GLY B 615 -16.80 -20.47 -9.69
CA GLY B 615 -18.14 -19.95 -9.83
C GLY B 615 -19.23 -20.73 -9.11
N VAL B 616 -19.84 -20.11 -8.11
CA VAL B 616 -20.97 -20.70 -7.42
C VAL B 616 -22.28 -20.40 -8.14
N THR B 617 -23.00 -21.46 -8.53
CA THR B 617 -24.27 -21.29 -9.23
C THR B 617 -25.46 -21.80 -8.43
N ILE B 618 -26.43 -20.93 -8.19
CA ILE B 618 -27.64 -21.30 -7.47
C ILE B 618 -28.76 -21.67 -8.45
N ASP B 619 -29.20 -22.93 -8.40
CA ASP B 619 -30.19 -23.42 -9.36
C ASP B 619 -31.48 -23.87 -8.68
N PHE B 620 -32.28 -24.66 -9.40
CA PHE B 620 -33.58 -25.08 -8.90
C PHE B 620 -33.47 -26.18 -7.83
N ASP B 621 -32.40 -26.96 -7.87
CA ASP B 621 -32.17 -27.95 -6.83
C ASP B 621 -31.84 -27.26 -5.52
N THR B 622 -31.32 -26.04 -5.61
CA THR B 622 -30.96 -25.29 -4.42
C THR B 622 -32.20 -24.92 -3.60
N VAL B 623 -33.28 -24.59 -4.30
CA VAL B 623 -34.50 -24.18 -3.64
C VAL B 623 -35.44 -25.35 -3.36
N ASN B 624 -35.28 -26.44 -4.11
CA ASN B 624 -36.24 -27.53 -4.06
C ASN B 624 -35.74 -28.84 -3.44
N LYS B 625 -34.61 -28.80 -2.75
CA LYS B 625 -34.09 -30.00 -2.11
C LYS B 625 -33.86 -29.78 -0.61
N THR B 626 -33.81 -30.87 0.15
CA THR B 626 -33.91 -30.81 1.61
C THR B 626 -32.76 -30.01 2.24
N PRO B 627 -31.49 -30.38 1.97
CA PRO B 627 -30.52 -29.39 2.46
C PRO B 627 -30.07 -28.47 1.32
N HIS B 628 -29.99 -27.17 1.57
CA HIS B 628 -29.71 -26.21 0.52
C HIS B 628 -28.27 -26.27 0.01
N THR B 629 -28.11 -26.82 -1.19
CA THR B 629 -26.80 -26.95 -1.81
C THR B 629 -26.71 -26.21 -3.15
N ALA B 630 -25.55 -25.62 -3.40
CA ALA B 630 -25.29 -24.98 -4.69
C ALA B 630 -24.11 -25.66 -5.37
N THR B 631 -23.83 -25.29 -6.62
CA THR B 631 -22.71 -25.89 -7.32
C THR B 631 -21.48 -24.99 -7.28
N LEU B 632 -20.31 -25.62 -7.24
CA LEU B 632 -19.04 -24.92 -7.31
C LEU B 632 -18.33 -25.31 -8.59
N ARG B 633 -18.02 -24.32 -9.43
CA ARG B 633 -17.48 -24.56 -10.75
C ARG B 633 -16.03 -24.10 -10.88
N ASP B 634 -15.20 -24.95 -11.49
CA ASP B 634 -13.81 -24.59 -11.76
C ASP B 634 -13.72 -23.81 -13.06
N ARG B 635 -13.01 -22.68 -13.03
CA ARG B 635 -12.91 -21.81 -14.20
C ARG B 635 -12.24 -22.50 -15.38
N ASP B 636 -11.08 -23.09 -15.13
CA ASP B 636 -10.30 -23.71 -16.20
C ASP B 636 -11.05 -24.87 -16.85
N SER B 637 -11.34 -25.89 -16.06
CA SER B 637 -11.91 -27.14 -16.58
C SER B 637 -13.39 -27.03 -16.92
N MET B 638 -14.06 -26.03 -16.35
CA MET B 638 -15.50 -25.82 -16.48
C MET B 638 -16.33 -26.90 -15.80
N ARG B 639 -15.65 -27.83 -15.12
CA ARG B 639 -16.33 -28.87 -14.36
C ARG B 639 -16.91 -28.26 -13.10
N GLN B 640 -17.85 -28.95 -12.45
CA GLN B 640 -18.43 -28.46 -11.21
C GLN B 640 -18.98 -29.57 -10.32
N ILE B 641 -18.92 -29.34 -9.02
CA ILE B 641 -19.48 -30.25 -8.02
C ILE B 641 -20.64 -29.60 -7.28
N ARG B 642 -21.18 -30.29 -6.29
CA ARG B 642 -22.27 -29.74 -5.48
C ARG B 642 -21.98 -29.89 -3.98
N ALA B 643 -22.12 -28.78 -3.26
CA ALA B 643 -21.89 -28.73 -1.81
C ALA B 643 -22.87 -27.73 -1.21
N GLU B 644 -23.17 -27.84 0.08
CA GLU B 644 -24.20 -26.94 0.61
C GLU B 644 -23.66 -25.56 0.96
N ILE B 645 -24.54 -24.59 0.84
CA ILE B 645 -24.22 -23.15 0.88
C ILE B 645 -23.48 -22.70 2.14
N SER B 646 -23.67 -23.41 3.24
CA SER B 646 -22.91 -23.13 4.44
C SER B 646 -21.46 -23.54 4.27
N GLU B 647 -21.23 -24.59 3.48
CA GLU B 647 -19.90 -25.14 3.27
C GLU B 647 -19.05 -24.29 2.34
N LEU B 648 -19.67 -23.84 1.24
CA LEU B 648 -18.98 -23.19 0.12
C LEU B 648 -17.96 -22.09 0.50
N PRO B 649 -18.31 -21.15 1.38
CA PRO B 649 -17.32 -20.10 1.73
C PRO B 649 -16.00 -20.65 2.27
N SER B 650 -16.06 -21.60 3.19
CA SER B 650 -14.84 -22.23 3.71
C SER B 650 -14.10 -22.97 2.60
N ILE B 651 -14.84 -23.58 1.68
CA ILE B 651 -14.24 -24.33 0.58
C ILE B 651 -13.50 -23.41 -0.36
N VAL B 652 -14.20 -22.40 -0.85
CA VAL B 652 -13.63 -21.39 -1.74
C VAL B 652 -12.40 -20.75 -1.10
N GLN B 653 -12.52 -20.42 0.18
CA GLN B 653 -11.43 -19.81 0.93
C GLN B 653 -10.19 -20.68 0.98
N ASP B 654 -10.38 -21.98 1.18
CA ASP B 654 -9.25 -22.91 1.27
C ASP B 654 -8.61 -23.14 -0.10
N LEU B 655 -9.41 -23.04 -1.15
CA LEU B 655 -8.89 -23.07 -2.51
C LEU B 655 -8.03 -21.84 -2.78
N ALA B 656 -8.47 -20.70 -2.25
CA ALA B 656 -7.79 -19.42 -2.45
C ALA B 656 -6.48 -19.33 -1.69
N ASN B 657 -6.45 -19.88 -0.47
CA ASN B 657 -5.24 -19.85 0.34
C ASN B 657 -4.20 -20.87 -0.12
N GLY B 658 -4.61 -21.76 -1.01
CA GLY B 658 -3.73 -22.81 -1.49
C GLY B 658 -3.74 -24.04 -0.60
N ASN B 659 -4.65 -24.06 0.37
CA ASN B 659 -4.76 -25.19 1.28
C ASN B 659 -5.18 -26.45 0.52
N ILE B 660 -6.13 -26.30 -0.39
CA ILE B 660 -6.60 -27.41 -1.20
C ILE B 660 -6.61 -27.07 -2.68
N THR B 661 -6.67 -28.09 -3.52
CA THR B 661 -6.81 -27.90 -4.96
C THR B 661 -8.14 -28.46 -5.43
N TRP B 662 -8.37 -28.43 -6.73
CA TRP B 662 -9.64 -28.90 -7.29
C TRP B 662 -9.77 -30.41 -7.15
N ALA B 663 -8.63 -31.10 -7.20
CA ALA B 663 -8.59 -32.55 -7.01
C ALA B 663 -9.21 -32.92 -5.67
N ASP B 664 -8.83 -32.16 -4.64
CA ASP B 664 -9.35 -32.37 -3.30
C ASP B 664 -10.87 -32.18 -3.27
N VAL B 665 -11.35 -31.18 -4.01
CA VAL B 665 -12.76 -30.86 -4.01
C VAL B 665 -13.57 -31.97 -4.68
N GLU B 666 -13.09 -32.46 -5.81
CA GLU B 666 -13.78 -33.54 -6.51
C GLU B 666 -13.72 -34.85 -5.73
N ALA B 667 -12.76 -34.97 -4.83
CA ALA B 667 -12.61 -36.15 -4.00
C ALA B 667 -13.55 -36.13 -2.80
N ARG B 668 -13.91 -34.93 -2.35
CA ARG B 668 -14.75 -34.80 -1.16
C ARG B 668 -16.20 -34.48 -1.51
N TYR B 669 -16.47 -34.17 -2.77
CA TYR B 669 -17.79 -33.68 -3.15
C TYR B 669 -18.34 -34.31 -4.42
N PRO B 670 -19.67 -34.48 -4.48
CA PRO B 670 -20.34 -35.13 -5.62
C PRO B 670 -20.29 -34.28 -6.89
N LEU B 671 -19.85 -34.91 -7.98
CA LEU B 671 -19.80 -34.25 -9.28
C LEU B 671 -21.22 -33.92 -9.73
N PHE B 672 -21.37 -32.82 -10.47
CA PHE B 672 -22.69 -32.33 -10.86
C PHE B 672 -23.18 -32.97 -12.16
N GLU B 673 -24.12 -33.90 -12.03
CA GLU B 673 -24.62 -34.64 -13.18
C GLU B 673 -25.83 -33.97 -13.84
N GLY B 674 -26.20 -32.79 -13.35
CA GLY B 674 -27.37 -32.09 -13.86
C GLY B 674 -28.40 -31.90 -12.77
N GLN B 675 -29.31 -30.94 -12.95
CA GLN B 675 -30.33 -30.68 -11.94
C GLN B 675 -31.58 -31.51 -12.16
N GLU B 676 -32.18 -31.99 -11.07
CA GLU B 676 -33.29 -32.91 -11.13
C GLU B 676 -34.65 -32.19 -11.06
N THR B 677 -34.60 -30.87 -10.90
CA THR B 677 -35.80 -30.06 -10.77
C THR B 677 -35.82 -28.97 -11.85
N GLY B 678 -36.99 -28.40 -12.13
CA GLY B 678 -37.11 -27.34 -13.11
C GLY B 678 -36.80 -27.79 -14.52
#